data_5EZL
#
_entry.id   5EZL
#
_cell.length_a   101.420
_cell.length_b   108.900
_cell.length_c   97.400
_cell.angle_alpha   90.000
_cell.angle_beta   97.750
_cell.angle_gamma   90.000
#
_symmetry.space_group_name_H-M   'C 1 2 1'
#
loop_
_entity.id
_entity.type
_entity.pdbx_description
1 polymer 'Fab c12'
2 polymer 'Fab c12'
3 branched 2-acetamido-2-deoxy-beta-D-glucopyranose-(1-4)-2-acetamido-2-deoxy-beta-D-glucopyranose
4 non-polymer 2-acetamido-2-deoxy-beta-D-glucopyranose
5 water water
#
loop_
_entity_poly.entity_id
_entity_poly.type
_entity_poly.pdbx_seq_one_letter_code
_entity_poly.pdbx_strand_id
1 'polypeptide(L)'
;NVNLLESGGGLVQPGGSLNLSCAASGFDFSRYWMSWARQAPGKGQEWIGEINPGSSTIKYTPSLKDKFIISRDNAKNTLY
LQMSKVSSEDTALYYCARYGSYVYAMDYWGPGTSVTVSSAKTTAPSVYPLAPVCGDTTGSSVTLGCLVKGYFPEPVTLTW
NSGSLSSGVHTFPAVLQSDLYTLSSSVTVTSSTWPSQSITCNVAHPASSTKVDKKIEPRGPT
;
A,H
2 'polypeptide(L)'
;SIVMTQTPKFLLVSAGDRITITCKASQSVRNDVAWYQQKPGQSPKLLIYFASNRYTGVPDRFTGSGSGTDFTFTISTVQA
EDLAVYFCQQGYTSPRTFGGGTKLEIKRADAAPTVSIFPPSSEQLTSGGASVVCFLNNFYPKDINVKWKIDGSERQNGVL
NSWTDQDSKDSTYSMSSTLTLTKDEYERHNSYTCEATHKTSTSPIVKSFNRNE
;
B,L
#
# COMPACT_ATOMS: atom_id res chain seq x y z
N ASN A 1 -11.33 26.51 13.46
CA ASN A 1 -10.76 25.16 13.33
C ASN A 1 -9.81 24.90 14.48
N VAL A 2 -10.40 24.53 15.61
CA VAL A 2 -9.69 24.45 16.87
C VAL A 2 -8.38 23.66 16.75
N ASN A 3 -7.34 24.15 17.39
CA ASN A 3 -6.06 23.46 17.41
C ASN A 3 -5.26 23.75 18.69
N LEU A 4 -4.51 22.76 19.15
CA LEU A 4 -3.56 22.97 20.23
C LEU A 4 -2.21 22.34 19.88
N LEU A 5 -1.12 22.99 20.26
CA LEU A 5 0.22 22.43 20.07
C LEU A 5 1.10 22.65 21.28
N GLU A 6 1.46 21.57 21.96
CA GLU A 6 2.27 21.64 23.18
C GLU A 6 3.76 21.62 22.82
N SER A 7 4.55 22.40 23.54
CA SER A 7 5.98 22.55 23.28
C SER A 7 6.78 22.56 24.54
N GLY A 8 8.08 22.40 24.38
CA GLY A 8 8.98 22.54 25.52
C GLY A 8 9.38 21.25 26.18
N GLY A 9 8.84 20.14 25.69
CA GLY A 9 9.17 18.85 26.28
C GLY A 9 10.61 18.46 26.02
N GLY A 10 11.08 17.44 26.73
CA GLY A 10 12.42 16.97 26.55
C GLY A 10 12.96 16.33 27.82
N LEU A 11 14.27 16.11 27.82
CA LEU A 11 14.98 15.51 28.92
C LEU A 11 15.33 16.56 29.99
N VAL A 12 15.15 16.20 31.26
CA VAL A 12 15.45 17.07 32.39
C VAL A 12 16.05 16.24 33.53
N GLN A 13 17.01 16.82 34.26
CA GLN A 13 17.62 16.14 35.39
C GLN A 13 16.70 16.15 36.60
N PRO A 14 16.67 15.02 37.35
CA PRO A 14 15.96 14.90 38.62
C PRO A 14 16.28 16.08 39.56
N GLY A 15 15.24 16.69 40.12
CA GLY A 15 15.41 17.86 40.94
C GLY A 15 15.27 19.17 40.15
N GLY A 16 15.28 19.06 38.83
CA GLY A 16 15.35 20.24 37.99
C GLY A 16 14.05 20.89 37.60
N SER A 17 14.12 21.74 36.59
CA SER A 17 12.99 22.55 36.19
C SER A 17 12.81 22.58 34.68
N LEU A 18 11.58 22.82 34.24
CA LEU A 18 11.23 22.74 32.83
C LEU A 18 9.90 23.42 32.57
N ASN A 19 9.84 24.26 31.53
CA ASN A 19 8.62 24.99 31.21
C ASN A 19 7.98 24.51 29.90
N LEU A 20 6.77 23.96 30.01
CA LEU A 20 6.02 23.55 28.83
C LEU A 20 5.15 24.72 28.35
N SER A 21 4.89 24.79 27.05
CA SER A 21 3.93 25.75 26.54
C SER A 21 2.94 25.07 25.60
N CYS A 22 1.81 25.73 25.38
CA CYS A 22 0.78 25.23 24.51
C CYS A 22 0.22 26.38 23.67
N ALA A 23 0.29 26.27 22.34
CA ALA A 23 -0.20 27.33 21.47
C ALA A 23 -1.57 26.97 20.93
N ALA A 24 -2.55 27.81 21.23
CA ALA A 24 -3.92 27.58 20.82
C ALA A 24 -4.29 28.47 19.67
N SER A 25 -5.11 27.97 18.76
CA SER A 25 -5.66 28.76 17.65
C SER A 25 -7.02 28.23 17.27
N GLY A 26 -7.78 29.01 16.50
CA GLY A 26 -9.07 28.55 16.04
C GLY A 26 -10.24 28.81 16.97
N PHE A 27 -9.98 29.56 18.04
CA PHE A 27 -11.03 29.94 18.97
C PHE A 27 -10.62 31.08 19.87
N ASP A 28 -11.61 31.72 20.49
CA ASP A 28 -11.32 32.82 21.40
C ASP A 28 -10.70 32.24 22.67
N PHE A 29 -9.38 32.17 22.70
CA PHE A 29 -8.66 31.56 23.83
C PHE A 29 -9.04 32.23 25.16
N SER A 30 -9.35 33.52 25.11
CA SER A 30 -9.63 34.28 26.32
C SER A 30 -11.01 33.99 26.88
N ARG A 31 -11.83 33.23 26.15
CA ARG A 31 -13.16 32.84 26.63
C ARG A 31 -13.26 31.45 27.28
N TYR A 32 -12.19 30.65 27.24
CA TYR A 32 -12.28 29.27 27.69
C TYR A 32 -11.37 28.96 28.88
N TRP A 33 -11.86 28.12 29.79
CA TRP A 33 -10.99 27.51 30.80
C TRP A 33 -10.05 26.56 30.05
N MET A 34 -8.84 26.38 30.61
CA MET A 34 -7.82 25.50 30.07
C MET A 34 -7.25 24.62 31.17
N SER A 35 -6.68 23.48 30.81
CA SER A 35 -6.16 22.57 31.81
C SER A 35 -4.96 21.78 31.27
N TRP A 36 -4.31 21.02 32.17
CA TRP A 36 -3.25 20.08 31.81
C TRP A 36 -3.51 18.69 32.39
N ALA A 37 -3.10 17.66 31.66
CA ALA A 37 -3.09 16.33 32.24
C ALA A 37 -1.85 15.63 31.74
N ARG A 38 -1.60 14.44 32.26
CA ARG A 38 -0.44 13.71 31.78
C ARG A 38 -0.65 12.22 31.80
N GLN A 39 0.10 11.49 31.00
CA GLN A 39 -0.02 10.04 30.99
C GLN A 39 1.33 9.38 31.01
N ALA A 40 1.63 8.70 32.11
CA ALA A 40 2.90 8.01 32.28
C ALA A 40 2.95 6.73 31.46
N PRO A 41 4.16 6.28 31.11
CA PRO A 41 4.31 5.06 30.30
C PRO A 41 3.52 3.90 30.89
N GLY A 42 2.57 3.39 30.11
CA GLY A 42 1.78 2.23 30.49
C GLY A 42 0.62 2.44 31.46
N LYS A 43 0.31 3.68 31.81
CA LYS A 43 -0.68 3.90 32.86
C LYS A 43 -1.83 4.83 32.47
N GLY A 44 -2.74 5.06 33.41
CA GLY A 44 -3.92 5.84 33.09
C GLY A 44 -3.65 7.33 33.02
N GLN A 45 -4.66 8.10 32.59
CA GLN A 45 -4.55 9.54 32.56
C GLN A 45 -4.56 10.11 33.95
N GLU A 46 -3.94 11.27 34.10
CA GLU A 46 -3.95 11.97 35.37
C GLU A 46 -4.14 13.46 35.23
N TRP A 47 -5.18 13.96 35.90
CA TRP A 47 -5.46 15.38 35.96
C TRP A 47 -4.38 16.12 36.76
N ILE A 48 -3.82 17.15 36.16
CA ILE A 48 -2.81 17.98 36.80
C ILE A 48 -3.38 19.28 37.36
N GLY A 49 -4.15 20.01 36.55
CA GLY A 49 -4.77 21.22 37.04
C GLY A 49 -5.53 21.99 35.98
N GLU A 50 -6.12 23.12 36.38
CA GLU A 50 -6.97 23.94 35.53
C GLU A 50 -6.78 25.44 35.83
N ILE A 51 -7.17 26.30 34.89
CA ILE A 51 -7.09 27.76 35.05
C ILE A 51 -8.24 28.47 34.30
N ASN A 52 -8.94 29.39 34.96
CA ASN A 52 -10.07 30.07 34.32
C ASN A 52 -9.57 31.13 33.33
N PRO A 53 -10.45 31.68 32.47
CA PRO A 53 -9.91 32.63 31.49
C PRO A 53 -9.16 33.83 32.11
N GLY A 54 -9.57 34.25 33.29
CA GLY A 54 -9.00 35.46 33.87
C GLY A 54 -7.81 35.24 34.78
N SER A 55 -7.40 34.00 34.93
CA SER A 55 -6.30 33.61 35.82
C SER A 55 -6.61 33.84 37.31
N SER A 56 -7.87 34.14 37.64
CA SER A 56 -8.24 34.43 39.02
C SER A 56 -8.55 33.19 39.83
N THR A 57 -8.65 32.07 39.14
CA THR A 57 -8.88 30.76 39.75
C THR A 57 -7.91 29.75 39.14
N ILE A 58 -7.09 29.13 39.98
CA ILE A 58 -6.13 28.11 39.55
C ILE A 58 -6.11 26.96 40.53
N LYS A 59 -6.38 25.75 40.08
CA LYS A 59 -6.42 24.62 40.98
C LYS A 59 -5.48 23.50 40.52
N TYR A 60 -5.03 22.70 41.49
CA TYR A 60 -4.04 21.67 41.26
C TYR A 60 -4.45 20.37 41.94
N THR A 61 -3.99 19.23 41.42
CA THR A 61 -4.06 17.99 42.18
C THR A 61 -3.07 18.11 43.36
N PRO A 62 -3.46 17.63 44.54
CA PRO A 62 -2.69 17.88 45.76
C PRO A 62 -1.18 17.63 45.67
N SER A 63 -0.76 16.51 45.08
CA SER A 63 0.67 16.17 45.01
C SER A 63 1.49 17.15 44.19
N LEU A 64 0.84 17.96 43.37
CA LEU A 64 1.62 18.83 42.52
C LEU A 64 1.51 20.31 42.88
N LYS A 65 0.74 20.64 43.92
CA LYS A 65 0.41 22.06 44.17
C LYS A 65 1.64 22.90 44.51
N ASP A 66 2.70 22.25 45.00
CA ASP A 66 3.89 22.98 45.40
C ASP A 66 5.11 22.79 44.47
N LYS A 67 4.94 21.99 43.41
CA LYS A 67 5.96 21.80 42.39
C LYS A 67 5.61 22.56 41.13
N PHE A 68 4.36 22.40 40.71
CA PHE A 68 3.91 22.89 39.41
C PHE A 68 3.11 24.17 39.56
N ILE A 69 3.32 25.05 38.60
CA ILE A 69 2.59 26.31 38.50
C ILE A 69 1.95 26.44 37.13
N ILE A 70 0.66 26.75 37.09
CA ILE A 70 -0.04 26.93 35.82
C ILE A 70 -0.26 28.40 35.53
N SER A 71 0.00 28.85 34.29
CA SER A 71 -0.28 30.24 33.95
C SER A 71 -0.66 30.37 32.50
N ARG A 72 -1.14 31.55 32.13
CA ARG A 72 -1.57 31.81 30.75
C ARG A 72 -1.38 33.27 30.36
N ASP A 73 -1.29 33.52 29.06
CA ASP A 73 -1.23 34.88 28.51
C ASP A 73 -2.25 35.01 27.38
N ASN A 74 -3.41 35.58 27.66
CA ASN A 74 -4.45 35.60 26.62
C ASN A 74 -4.00 36.34 25.38
N ALA A 75 -3.10 37.30 25.56
CA ALA A 75 -2.56 38.05 24.44
C ALA A 75 -1.72 37.17 23.50
N LYS A 76 -1.16 36.08 24.02
CA LYS A 76 -0.34 35.25 23.16
C LYS A 76 -0.99 33.92 22.83
N ASN A 77 -2.26 33.78 23.24
CA ASN A 77 -2.97 32.53 23.05
C ASN A 77 -2.15 31.38 23.57
N THR A 78 -1.48 31.57 24.69
CA THR A 78 -0.59 30.51 25.14
C THR A 78 -0.89 30.09 26.59
N LEU A 79 -0.90 28.79 26.83
CA LEU A 79 -0.99 28.24 28.18
C LEU A 79 0.38 27.71 28.62
N TYR A 80 0.71 27.83 29.91
CA TYR A 80 2.05 27.42 30.39
C TYR A 80 2.03 26.43 31.55
N LEU A 81 3.10 25.66 31.69
CA LEU A 81 3.24 24.82 32.86
C LEU A 81 4.69 24.88 33.33
N GLN A 82 4.90 25.40 34.55
CA GLN A 82 6.22 25.41 35.12
C GLN A 82 6.39 24.21 36.03
N MET A 83 7.32 23.34 35.67
CA MET A 83 7.57 22.15 36.44
C MET A 83 8.83 22.41 37.21
N SER A 84 8.81 22.04 38.48
CA SER A 84 10.01 22.15 39.31
C SER A 84 10.11 20.95 40.25
N LYS A 85 11.29 20.77 40.84
CA LYS A 85 11.65 19.62 41.68
C LYS A 85 11.11 18.29 41.17
N VAL A 86 11.42 18.00 39.91
CA VAL A 86 10.93 16.82 39.22
C VAL A 86 11.66 15.53 39.65
N SER A 87 10.90 14.44 39.70
CA SER A 87 11.41 13.09 39.91
C SER A 87 10.91 12.24 38.76
N SER A 88 11.29 10.98 38.76
CA SER A 88 10.90 10.08 37.69
C SER A 88 9.38 9.82 37.67
N GLU A 89 8.71 10.17 38.76
CA GLU A 89 7.25 10.06 38.80
C GLU A 89 6.61 11.00 37.77
N ASP A 90 7.37 12.01 37.35
CA ASP A 90 6.88 13.03 36.44
C ASP A 90 7.17 12.74 34.99
N THR A 91 7.94 11.67 34.73
CA THR A 91 8.14 11.21 33.36
C THR A 91 6.81 10.74 32.76
N ALA A 92 6.36 11.43 31.72
CA ALA A 92 5.04 11.17 31.14
C ALA A 92 4.86 12.00 29.87
N LEU A 93 3.77 11.72 29.17
CA LEU A 93 3.34 12.56 28.07
C LEU A 93 2.42 13.65 28.62
N TYR A 94 2.70 14.90 28.28
CA TYR A 94 2.00 16.03 28.86
C TYR A 94 0.99 16.63 27.87
N TYR A 95 -0.29 16.63 28.26
CA TYR A 95 -1.36 17.17 27.42
C TYR A 95 -1.93 18.46 27.94
N CYS A 96 -2.17 19.41 27.04
CA CYS A 96 -3.00 20.52 27.40
C CYS A 96 -4.38 20.29 26.77
N ALA A 97 -5.41 20.76 27.44
CA ALA A 97 -6.76 20.57 26.94
C ALA A 97 -7.63 21.74 27.30
N ARG A 98 -8.55 22.03 26.40
CA ARG A 98 -9.58 23.03 26.53
C ARG A 98 -10.78 22.46 27.29
N TYR A 99 -11.38 23.26 28.17
CA TYR A 99 -12.65 22.85 28.78
C TYR A 99 -13.81 23.29 27.91
N GLY A 100 -14.76 22.38 27.66
CA GLY A 100 -15.92 22.71 26.88
C GLY A 100 -16.69 23.81 27.58
N SER A 101 -17.45 24.58 26.81
CA SER A 101 -18.29 25.63 27.38
C SER A 101 -19.27 25.05 28.39
N TYR A 102 -19.27 25.62 29.59
CA TYR A 102 -20.22 25.25 30.64
C TYR A 102 -20.00 23.84 31.19
N VAL A 103 -18.86 23.23 30.89
CA VAL A 103 -18.55 21.97 31.56
C VAL A 103 -17.14 21.96 32.05
N TYR A 104 -16.91 21.26 33.16
CA TYR A 104 -15.57 20.94 33.58
C TYR A 104 -15.13 19.63 32.93
N ALA A 105 -15.24 19.56 31.60
CA ALA A 105 -14.83 18.39 30.85
C ALA A 105 -13.95 18.83 29.69
N MET A 106 -12.95 18.03 29.35
CA MET A 106 -11.94 18.47 28.40
C MET A 106 -12.42 18.20 26.99
N ASP A 107 -12.68 19.31 26.33
CA ASP A 107 -13.30 19.43 25.03
C ASP A 107 -12.43 19.03 23.84
N TYR A 108 -11.18 19.46 23.90
CA TYR A 108 -10.21 19.20 22.88
C TYR A 108 -8.87 18.93 23.55
N TRP A 109 -8.11 17.97 23.05
CA TRP A 109 -6.81 17.68 23.63
C TRP A 109 -5.71 17.89 22.60
N GLY A 110 -4.60 18.48 23.02
CA GLY A 110 -3.44 18.60 22.16
C GLY A 110 -2.77 17.26 21.94
N PRO A 111 -1.83 17.19 21.00
CA PRO A 111 -1.07 15.96 20.70
C PRO A 111 -0.17 15.53 21.84
N GLY A 112 0.23 16.46 22.69
CA GLY A 112 1.06 16.12 23.83
C GLY A 112 2.54 16.38 23.57
N THR A 113 3.28 16.60 24.65
CA THR A 113 4.71 16.80 24.58
C THR A 113 5.33 15.85 25.62
N SER A 114 6.34 15.08 25.19
CA SER A 114 6.94 14.06 26.04
C SER A 114 8.00 14.65 26.96
N VAL A 115 7.93 14.31 28.24
CA VAL A 115 8.89 14.75 29.24
C VAL A 115 9.56 13.55 29.92
N THR A 116 10.88 13.53 29.97
CA THR A 116 11.63 12.42 30.58
C THR A 116 12.51 12.97 31.70
N VAL A 117 12.43 12.36 32.87
CA VAL A 117 13.23 12.81 34.01
C VAL A 117 14.31 11.79 34.29
N SER A 118 15.57 12.16 34.02
CA SER A 118 16.64 11.19 34.03
C SER A 118 18.05 11.79 34.09
N SER A 119 18.91 11.08 34.79
CA SER A 119 20.31 11.42 34.91
C SER A 119 21.15 10.99 33.68
N ALA A 120 20.59 10.11 32.85
CA ALA A 120 21.29 9.55 31.71
C ALA A 120 21.39 10.60 30.59
N LYS A 121 22.25 10.36 29.60
CA LYS A 121 22.61 11.40 28.64
C LYS A 121 21.99 11.25 27.25
N THR A 122 21.70 12.37 26.62
CA THR A 122 21.19 12.36 25.26
C THR A 122 22.13 11.63 24.29
N THR A 123 21.55 10.74 23.51
CA THR A 123 22.28 9.90 22.55
C THR A 123 21.52 9.81 21.22
N ALA A 124 22.21 10.09 20.11
CA ALA A 124 21.60 10.02 18.79
C ALA A 124 21.41 8.56 18.32
N PRO A 125 20.34 8.29 17.55
CA PRO A 125 20.10 6.91 17.10
C PRO A 125 21.07 6.49 16.00
N SER A 126 21.32 5.20 15.88
CA SER A 126 21.89 4.65 14.66
C SER A 126 20.71 4.23 13.81
N VAL A 127 20.77 4.44 12.51
CA VAL A 127 19.66 4.04 11.66
C VAL A 127 20.12 3.07 10.57
N TYR A 128 19.53 1.88 10.54
CA TYR A 128 19.94 0.83 9.59
C TYR A 128 18.87 0.36 8.59
N PRO A 129 19.14 0.51 7.29
CA PRO A 129 18.25 -0.07 6.28
C PRO A 129 18.30 -1.58 6.32
N LEU A 130 17.13 -2.22 6.23
CA LEU A 130 17.03 -3.68 6.19
C LEU A 130 16.43 -4.10 4.89
N ALA A 131 17.22 -4.81 4.09
CA ALA A 131 16.76 -5.32 2.79
C ALA A 131 16.52 -6.80 2.92
N PRO A 132 15.65 -7.37 2.06
CA PRO A 132 15.31 -8.78 2.21
C PRO A 132 16.51 -9.72 2.06
N VAL A 133 16.31 -10.99 2.39
CA VAL A 133 17.38 -11.96 2.36
C VAL A 133 17.92 -12.06 0.92
N CYS A 134 19.25 -12.21 0.82
CA CYS A 134 20.01 -12.10 -0.43
C CYS A 134 19.41 -12.88 -1.59
N GLY A 135 19.07 -14.13 -1.35
CA GLY A 135 18.54 -14.97 -2.41
C GLY A 135 17.12 -14.62 -2.78
N ASP A 136 16.98 -13.54 -3.57
CA ASP A 136 15.65 -13.00 -3.86
C ASP A 136 14.80 -14.02 -4.64
N THR A 137 13.65 -14.35 -4.04
CA THR A 137 12.62 -15.17 -4.66
C THR A 137 11.35 -14.35 -4.90
N THR A 138 10.79 -14.50 -6.10
CA THR A 138 9.57 -13.82 -6.46
C THR A 138 8.38 -14.29 -5.60
N GLY A 139 7.76 -13.35 -4.91
CA GLY A 139 6.50 -13.60 -4.23
C GLY A 139 5.68 -12.42 -4.71
N SER A 140 4.41 -12.34 -4.34
CA SER A 140 3.62 -11.20 -4.78
C SER A 140 4.14 -9.91 -4.18
N SER A 141 4.53 -9.98 -2.91
CA SER A 141 4.90 -8.79 -2.20
C SER A 141 6.29 -8.90 -1.59
N VAL A 142 6.82 -7.75 -1.18
CA VAL A 142 8.09 -7.72 -0.50
C VAL A 142 7.99 -6.78 0.71
N THR A 143 8.76 -7.10 1.74
CA THR A 143 8.71 -6.41 3.01
C THR A 143 10.11 -5.87 3.31
N LEU A 144 10.18 -4.60 3.67
CA LEU A 144 11.44 -3.94 4.04
C LEU A 144 11.44 -3.52 5.49
N GLY A 145 12.60 -3.20 6.05
CA GLY A 145 12.63 -2.77 7.43
C GLY A 145 13.48 -1.54 7.63
N CYS A 146 13.26 -0.88 8.75
CA CYS A 146 14.16 0.19 9.13
C CYS A 146 14.39 -0.03 10.60
N LEU A 147 15.66 -0.07 11.02
CA LEU A 147 15.98 -0.30 12.43
C LEU A 147 16.60 0.95 13.03
N VAL A 148 16.04 1.41 14.16
CA VAL A 148 16.52 2.61 14.85
C VAL A 148 17.01 2.26 16.26
N LYS A 149 18.32 2.22 16.43
CA LYS A 149 18.93 1.62 17.59
C LYS A 149 19.74 2.59 18.45
N GLY A 150 19.58 2.47 19.77
CA GLY A 150 20.44 3.15 20.73
C GLY A 150 20.34 4.66 20.91
N TYR A 151 19.12 5.19 21.08
CA TYR A 151 18.93 6.63 21.26
C TYR A 151 18.31 6.94 22.61
N PHE A 152 18.39 8.19 23.04
CA PHE A 152 17.79 8.61 24.32
C PHE A 152 17.69 10.12 24.36
N PRO A 153 16.57 10.66 24.85
CA PRO A 153 15.38 9.89 25.24
C PRO A 153 14.38 9.76 24.11
N GLU A 154 13.16 9.34 24.45
CA GLU A 154 12.01 9.41 23.56
C GLU A 154 11.60 10.85 23.32
N PRO A 155 10.96 11.15 22.19
CA PRO A 155 10.58 10.23 21.12
C PRO A 155 11.49 10.28 19.90
N VAL A 156 11.27 9.33 19.01
CA VAL A 156 11.85 9.37 17.69
C VAL A 156 10.67 9.38 16.74
N THR A 157 10.79 9.99 15.56
CA THR A 157 9.71 9.90 14.58
C THR A 157 10.21 9.20 13.31
N LEU A 158 9.39 8.29 12.78
CA LEU A 158 9.78 7.53 11.60
C LEU A 158 8.70 7.53 10.52
N THR A 159 9.09 7.85 9.30
CA THR A 159 8.21 7.76 8.15
C THR A 159 8.88 7.05 6.97
N TRP A 160 8.07 6.76 5.95
CA TRP A 160 8.59 6.21 4.74
C TRP A 160 8.31 7.18 3.61
N ASN A 161 9.36 7.48 2.85
CA ASN A 161 9.30 8.41 1.72
C ASN A 161 8.65 9.71 2.13
N SER A 162 9.10 10.23 3.26
CA SER A 162 8.65 11.49 3.80
C SER A 162 7.14 11.52 4.04
N GLY A 163 6.56 10.34 4.25
CA GLY A 163 5.16 10.22 4.62
C GLY A 163 4.18 9.85 3.52
N SER A 164 4.67 9.71 2.28
CA SER A 164 3.79 9.42 1.15
C SER A 164 3.63 7.92 0.96
N LEU A 165 4.37 7.16 1.75
CA LEU A 165 4.13 5.73 1.84
C LEU A 165 3.60 5.47 3.24
N SER A 166 2.29 5.27 3.35
CA SER A 166 1.64 5.13 4.66
C SER A 166 0.93 3.78 4.81
N SER A 167 0.46 3.21 3.72
CA SER A 167 -0.16 1.88 3.78
C SER A 167 0.89 0.78 3.94
N GLY A 168 0.54 -0.28 4.66
CA GLY A 168 1.41 -1.43 4.73
C GLY A 168 2.57 -1.23 5.66
N VAL A 169 2.46 -0.18 6.44
CA VAL A 169 3.50 0.20 7.39
C VAL A 169 3.17 -0.32 8.77
N HIS A 170 4.15 -0.93 9.44
CA HIS A 170 4.04 -1.18 10.89
C HIS A 170 5.23 -0.65 11.67
N THR A 171 5.02 0.41 12.45
CA THR A 171 6.05 0.92 13.37
C THR A 171 5.80 0.49 14.83
N PHE A 172 6.75 -0.20 15.43
CA PHE A 172 6.59 -0.87 16.71
C PHE A 172 7.03 0.03 17.86
N PRO A 173 6.31 -0.06 18.99
CA PRO A 173 6.70 0.61 20.25
C PRO A 173 8.18 0.43 20.53
N ALA A 174 8.88 1.50 20.92
CA ALA A 174 10.27 1.40 21.33
C ALA A 174 10.41 0.56 22.60
N VAL A 175 11.58 -0.04 22.76
CA VAL A 175 11.87 -0.82 23.95
C VAL A 175 13.20 -0.37 24.60
N LEU A 176 13.20 -0.26 25.93
CA LEU A 176 14.34 0.29 26.66
C LEU A 176 15.34 -0.77 27.08
N GLN A 177 16.62 -0.46 26.88
CA GLN A 177 17.69 -1.36 27.25
C GLN A 177 18.93 -0.61 27.75
N SER A 178 19.14 -0.62 29.07
CA SER A 178 20.22 0.10 29.73
C SER A 178 20.35 1.53 29.24
N ASP A 179 19.32 2.33 29.53
CA ASP A 179 19.31 3.75 29.26
C ASP A 179 19.35 4.07 27.77
N LEU A 180 18.95 3.11 26.92
CA LEU A 180 18.92 3.32 25.47
C LEU A 180 17.73 2.64 24.81
N TYR A 181 17.05 3.37 23.94
CA TYR A 181 15.86 2.87 23.26
C TYR A 181 16.16 2.31 21.89
N THR A 182 15.49 1.23 21.51
CA THR A 182 15.58 0.71 20.15
C THR A 182 14.18 0.54 19.55
N LEU A 183 14.05 0.86 18.27
CA LEU A 183 12.77 0.83 17.56
C LEU A 183 12.97 0.32 16.12
N SER A 184 11.92 -0.31 15.57
CA SER A 184 11.96 -0.81 14.20
C SER A 184 10.65 -0.59 13.46
N SER A 185 10.71 -0.51 12.14
CA SER A 185 9.51 -0.41 11.31
C SER A 185 9.59 -1.22 10.01
N SER A 186 8.47 -1.83 9.63
CA SER A 186 8.37 -2.58 8.40
C SER A 186 7.38 -1.89 7.46
N VAL A 187 7.64 -2.00 6.16
CA VAL A 187 6.71 -1.55 5.15
C VAL A 187 6.60 -2.65 4.11
N THR A 188 5.38 -2.92 3.67
CA THR A 188 5.16 -3.96 2.68
C THR A 188 4.55 -3.36 1.42
N VAL A 189 5.24 -3.57 0.30
CA VAL A 189 4.75 -3.08 -0.98
C VAL A 189 4.78 -4.22 -1.99
N THR A 190 4.04 -4.07 -3.06
CA THR A 190 4.01 -5.09 -4.11
C THR A 190 5.38 -5.12 -4.80
N SER A 191 5.72 -6.26 -5.36
CA SER A 191 7.07 -6.45 -5.89
C SER A 191 7.33 -5.70 -7.22
N SER A 192 6.30 -5.21 -7.89
CA SER A 192 6.56 -4.37 -9.05
C SER A 192 6.77 -2.92 -8.63
N THR A 193 6.77 -2.67 -7.33
CA THR A 193 6.99 -1.33 -6.84
C THR A 193 8.46 -1.20 -6.47
N TRP A 194 8.98 -2.21 -5.78
CA TRP A 194 10.36 -2.21 -5.30
C TRP A 194 11.11 -3.47 -5.81
N PRO A 195 12.37 -3.32 -6.25
CA PRO A 195 13.20 -2.11 -6.18
C PRO A 195 13.07 -1.15 -7.36
N SER A 196 12.14 -1.37 -8.29
CA SER A 196 11.97 -0.46 -9.42
C SER A 196 11.77 1.00 -8.97
N GLN A 197 11.05 1.22 -7.88
CA GLN A 197 10.95 2.55 -7.28
C GLN A 197 11.65 2.61 -5.92
N SER A 198 12.10 3.79 -5.49
CA SER A 198 12.89 3.84 -4.27
C SER A 198 12.07 3.96 -3.00
N ILE A 199 12.64 3.42 -1.94
CA ILE A 199 12.01 3.44 -0.65
C ILE A 199 13.05 3.86 0.38
N THR A 200 12.72 4.91 1.10
CA THR A 200 13.64 5.52 2.04
C THR A 200 12.95 5.66 3.38
N CYS A 201 13.64 5.36 4.47
CA CYS A 201 13.01 5.68 5.74
C CYS A 201 13.69 6.95 6.28
N ASN A 202 12.85 7.78 6.91
CA ASN A 202 13.23 9.07 7.43
C ASN A 202 13.05 9.06 8.93
N VAL A 203 14.13 9.33 9.65
CA VAL A 203 14.09 9.30 11.11
C VAL A 203 14.48 10.65 11.67
N ALA A 204 13.70 11.15 12.63
CA ALA A 204 14.07 12.36 13.37
C ALA A 204 14.14 12.07 14.87
N HIS A 205 15.17 12.58 15.52
CA HIS A 205 15.33 12.55 16.98
C HIS A 205 15.61 13.96 17.44
N PRO A 206 14.56 14.68 17.81
CA PRO A 206 14.64 16.12 18.10
C PRO A 206 15.60 16.45 19.23
N ALA A 207 15.56 15.67 20.30
CA ALA A 207 16.41 15.91 21.45
C ALA A 207 17.91 16.04 21.12
N SER A 208 18.33 15.40 20.02
CA SER A 208 19.73 15.43 19.58
C SER A 208 19.89 16.09 18.23
N SER A 209 18.84 16.76 17.75
CA SER A 209 18.85 17.41 16.44
C SER A 209 19.33 16.49 15.32
N THR A 210 18.85 15.25 15.33
CA THR A 210 19.21 14.28 14.30
C THR A 210 18.10 14.17 13.24
N LYS A 211 18.47 14.32 11.99
CA LYS A 211 17.55 14.07 10.90
C LYS A 211 18.30 13.21 9.90
N VAL A 212 17.98 11.93 9.90
CA VAL A 212 18.72 10.96 9.08
C VAL A 212 17.81 10.11 8.18
N ASP A 213 18.21 9.96 6.92
CA ASP A 213 17.53 9.12 5.93
C ASP A 213 18.39 7.94 5.47
N LYS A 214 17.74 6.79 5.24
CA LYS A 214 18.40 5.61 4.69
C LYS A 214 17.64 5.07 3.50
N LYS A 215 18.30 5.00 2.35
CA LYS A 215 17.66 4.43 1.20
C LYS A 215 17.85 2.93 1.21
N ILE A 216 16.78 2.22 0.90
CA ILE A 216 16.81 0.77 0.94
C ILE A 216 16.94 0.19 -0.45
N GLU A 217 17.97 -0.63 -0.61
CA GLU A 217 18.30 -1.26 -1.89
C GLU A 217 18.70 -2.73 -1.72
N PRO A 218 18.54 -3.53 -2.76
CA PRO A 218 18.78 -4.97 -2.61
C PRO A 218 20.21 -5.24 -2.15
N ARG A 219 20.41 -6.32 -1.38
CA ARG A 219 21.76 -6.71 -0.96
C ARG A 219 22.57 -7.17 -2.18
N GLY A 220 23.89 -7.10 -2.08
CA GLY A 220 24.72 -7.44 -3.21
C GLY A 220 25.69 -6.33 -3.59
N PRO A 221 26.53 -6.59 -4.61
CA PRO A 221 27.68 -5.78 -5.03
C PRO A 221 27.34 -4.47 -5.78
N THR A 222 28.26 -3.50 -5.68
CA THR A 222 28.16 -2.22 -6.39
C THR A 222 29.53 -1.63 -6.79
N SER B 1 -10.09 13.21 48.35
CA SER B 1 -9.89 13.12 46.91
C SER B 1 -10.64 11.92 46.35
N ILE B 2 -11.41 12.14 45.30
CA ILE B 2 -12.35 11.13 44.84
C ILE B 2 -11.74 10.11 43.87
N VAL B 3 -11.89 8.84 44.22
CA VAL B 3 -11.45 7.75 43.37
C VAL B 3 -12.56 7.32 42.40
N MET B 4 -12.17 7.02 41.17
CA MET B 4 -13.09 6.52 40.17
C MET B 4 -12.67 5.12 39.78
N THR B 5 -13.48 4.13 40.14
CA THR B 5 -13.11 2.74 39.86
C THR B 5 -13.81 2.20 38.64
N GLN B 6 -13.01 1.85 37.64
CA GLN B 6 -13.52 1.51 36.33
C GLN B 6 -13.34 0.01 36.07
N THR B 7 -14.40 -0.63 35.61
CA THR B 7 -14.44 -2.05 35.29
C THR B 7 -15.28 -2.27 34.03
N PRO B 8 -14.94 -3.33 33.25
CA PRO B 8 -13.76 -4.15 33.50
C PRO B 8 -12.52 -3.44 32.96
N LYS B 9 -11.34 -3.99 33.21
CA LYS B 9 -10.12 -3.40 32.68
C LYS B 9 -9.94 -3.78 31.22
N PHE B 10 -10.41 -4.96 30.85
CA PHE B 10 -10.28 -5.44 29.47
C PHE B 10 -11.54 -6.12 28.95
N LEU B 11 -11.81 -5.93 27.67
CA LEU B 11 -13.00 -6.38 26.98
C LEU B 11 -12.67 -6.87 25.59
N LEU B 12 -12.95 -8.13 25.30
CA LEU B 12 -12.77 -8.65 23.96
C LEU B 12 -14.10 -9.07 23.43
N VAL B 13 -14.51 -8.46 22.35
CA VAL B 13 -15.87 -8.63 21.96
C VAL B 13 -15.96 -8.64 20.45
N SER B 14 -17.06 -9.16 19.96
CA SER B 14 -17.24 -9.37 18.53
C SER B 14 -17.94 -8.16 17.93
N ALA B 15 -17.70 -7.89 16.65
CA ALA B 15 -18.38 -6.77 16.01
C ALA B 15 -19.89 -7.00 16.06
N GLY B 16 -20.62 -5.96 16.45
CA GLY B 16 -22.07 -6.04 16.57
C GLY B 16 -22.57 -6.19 17.98
N ASP B 17 -21.69 -6.64 18.87
CA ASP B 17 -22.03 -6.87 20.26
C ASP B 17 -22.28 -5.55 20.99
N ARG B 18 -22.99 -5.62 22.11
CA ARG B 18 -23.18 -4.49 22.99
C ARG B 18 -22.18 -4.66 24.15
N ILE B 19 -21.61 -3.57 24.62
CA ILE B 19 -20.74 -3.64 25.79
C ILE B 19 -21.11 -2.54 26.78
N THR B 20 -20.87 -2.80 28.07
CA THR B 20 -21.17 -1.81 29.08
C THR B 20 -20.03 -1.76 30.05
N ILE B 21 -19.53 -0.54 30.24
CA ILE B 21 -18.43 -0.24 31.15
C ILE B 21 -18.98 0.50 32.37
N THR B 22 -18.44 0.17 33.53
CA THR B 22 -18.95 0.69 34.78
C THR B 22 -17.93 1.52 35.54
N CYS B 23 -18.34 2.68 36.02
CA CYS B 23 -17.45 3.51 36.80
C CYS B 23 -18.08 3.74 38.18
N LYS B 24 -17.33 3.50 39.24
CA LYS B 24 -17.85 3.75 40.59
C LYS B 24 -17.00 4.79 41.31
N ALA B 25 -17.68 5.79 41.87
CA ALA B 25 -17.03 6.93 42.54
C ALA B 25 -17.05 6.74 44.02
N SER B 26 -15.96 7.11 44.68
CA SER B 26 -15.85 6.90 46.12
C SER B 26 -16.76 7.80 46.98
N GLN B 27 -17.29 8.88 46.37
CA GLN B 27 -18.29 9.74 46.99
C GLN B 27 -19.29 10.19 45.95
N SER B 28 -20.46 10.68 46.38
CA SER B 28 -21.41 11.27 45.44
C SER B 28 -20.77 12.34 44.58
N VAL B 29 -21.01 12.27 43.27
CA VAL B 29 -20.51 13.29 42.33
C VAL B 29 -21.63 13.78 41.40
N ARG B 30 -22.86 13.72 41.90
CA ARG B 30 -24.06 14.24 41.22
C ARG B 30 -24.31 13.61 39.84
N ASN B 31 -24.25 14.43 38.79
CA ASN B 31 -24.39 13.93 37.43
C ASN B 31 -23.13 14.24 36.65
N ASP B 32 -22.07 14.63 37.34
CA ASP B 32 -20.91 15.27 36.67
C ASP B 32 -19.84 14.27 36.27
N VAL B 33 -20.17 13.42 35.32
CA VAL B 33 -19.24 12.41 34.88
C VAL B 33 -19.06 12.60 33.38
N ALA B 34 -17.82 12.46 32.91
CA ALA B 34 -17.54 12.53 31.49
C ALA B 34 -16.84 11.24 31.02
N TRP B 35 -17.02 10.87 29.75
CA TRP B 35 -16.34 9.69 29.20
C TRP B 35 -15.49 10.06 27.99
N TYR B 36 -14.29 9.48 27.91
CA TYR B 36 -13.36 9.73 26.81
C TYR B 36 -12.92 8.47 26.07
N GLN B 37 -12.69 8.58 24.77
CA GLN B 37 -12.02 7.50 24.06
C GLN B 37 -10.66 7.97 23.56
N GLN B 38 -9.69 7.08 23.69
CA GLN B 38 -8.34 7.33 23.26
C GLN B 38 -7.90 6.22 22.31
N LYS B 39 -7.98 6.50 21.02
CA LYS B 39 -7.53 5.56 20.02
C LYS B 39 -6.02 5.51 20.00
N PRO B 40 -5.47 4.36 19.58
CA PRO B 40 -4.02 4.17 19.47
C PRO B 40 -3.34 5.27 18.67
N GLY B 41 -2.33 5.88 19.26
CA GLY B 41 -1.56 6.92 18.61
C GLY B 41 -2.20 8.28 18.76
N GLN B 42 -3.42 8.31 19.27
CA GLN B 42 -4.17 9.55 19.25
C GLN B 42 -4.49 10.09 20.63
N SER B 43 -4.85 11.37 20.68
CA SER B 43 -5.25 12.03 21.92
C SER B 43 -6.70 11.74 22.20
N PRO B 44 -7.09 11.77 23.48
CA PRO B 44 -8.49 11.60 23.87
C PRO B 44 -9.47 12.49 23.13
N LYS B 45 -10.63 11.95 22.80
CA LYS B 45 -11.74 12.72 22.31
C LYS B 45 -12.90 12.55 23.31
N LEU B 46 -13.68 13.61 23.54
CA LEU B 46 -14.77 13.54 24.51
C LEU B 46 -16.02 12.94 23.89
N LEU B 47 -16.67 12.00 24.58
CA LEU B 47 -17.88 11.36 24.05
C LEU B 47 -19.12 11.75 24.85
N ILE B 48 -19.09 11.44 26.14
CA ILE B 48 -20.23 11.68 27.00
C ILE B 48 -19.85 12.69 28.07
N TYR B 49 -20.75 13.61 28.36
CA TYR B 49 -20.55 14.55 29.46
C TYR B 49 -21.83 14.73 30.29
N PHE B 50 -21.68 15.07 31.57
CA PHE B 50 -22.81 15.12 32.48
C PHE B 50 -23.57 13.83 32.42
N ALA B 51 -22.80 12.75 32.53
CA ALA B 51 -23.30 11.39 32.66
C ALA B 51 -23.99 10.83 31.42
N SER B 52 -24.79 11.63 30.72
CA SER B 52 -25.69 11.09 29.71
C SER B 52 -25.82 11.85 28.40
N ASN B 53 -24.99 12.86 28.15
CA ASN B 53 -25.15 13.66 26.94
C ASN B 53 -24.03 13.43 25.93
N ARG B 54 -24.40 13.13 24.70
CA ARG B 54 -23.43 12.98 23.63
C ARG B 54 -22.91 14.33 23.19
N TYR B 55 -21.59 14.45 23.18
CA TYR B 55 -20.92 15.62 22.62
C TYR B 55 -21.21 15.76 21.12
N THR B 56 -20.94 16.93 20.56
CA THR B 56 -21.31 17.20 19.17
C THR B 56 -20.51 16.28 18.22
N GLY B 57 -21.20 15.64 17.29
CA GLY B 57 -20.56 14.78 16.33
C GLY B 57 -20.50 13.32 16.74
N VAL B 58 -20.62 13.07 18.03
CA VAL B 58 -20.55 11.71 18.53
C VAL B 58 -21.75 10.90 18.06
N PRO B 59 -21.50 9.77 17.38
CA PRO B 59 -22.55 8.86 16.87
C PRO B 59 -23.50 8.25 17.92
N ASP B 60 -24.66 7.83 17.44
CA ASP B 60 -25.72 7.24 18.25
C ASP B 60 -25.37 6.02 19.10
N ARG B 61 -24.41 5.22 18.64
CA ARG B 61 -24.02 3.99 19.33
C ARG B 61 -23.57 4.26 20.75
N PHE B 62 -23.16 5.51 21.01
CA PHE B 62 -22.63 5.87 22.30
C PHE B 62 -23.66 6.47 23.25
N THR B 63 -23.74 5.88 24.43
CA THR B 63 -24.67 6.34 25.44
C THR B 63 -24.07 6.24 26.81
N GLY B 64 -24.61 7.05 27.72
CA GLY B 64 -24.24 6.96 29.10
C GLY B 64 -25.43 7.18 30.00
N SER B 65 -25.25 6.78 31.25
CA SER B 65 -26.25 6.92 32.26
C SER B 65 -25.62 6.77 33.62
N GLY B 66 -26.25 7.34 34.62
CA GLY B 66 -25.79 7.18 35.98
C GLY B 66 -25.95 8.42 36.82
N SER B 67 -25.96 8.21 38.13
CA SER B 67 -26.13 9.31 39.05
C SER B 67 -25.60 8.90 40.43
N GLY B 68 -25.06 9.86 41.18
CA GLY B 68 -24.56 9.58 42.52
C GLY B 68 -23.18 8.96 42.50
N THR B 69 -23.11 7.63 42.59
CA THR B 69 -21.82 6.95 42.60
C THR B 69 -21.70 5.89 41.51
N ASP B 70 -22.80 5.58 40.82
CA ASP B 70 -22.84 4.54 39.78
C ASP B 70 -23.09 5.09 38.39
N PHE B 71 -22.18 4.81 37.47
CA PHE B 71 -22.22 5.40 36.12
C PHE B 71 -21.87 4.34 35.10
N THR B 72 -22.55 4.37 33.96
CA THR B 72 -22.23 3.43 32.94
C THR B 72 -22.09 4.10 31.61
N PHE B 73 -21.31 3.43 30.77
CA PHE B 73 -21.05 3.86 29.42
C PHE B 73 -21.37 2.71 28.47
N THR B 74 -22.07 2.99 27.39
CA THR B 74 -22.51 1.87 26.58
C THR B 74 -22.29 2.10 25.10
N ILE B 75 -21.78 1.07 24.44
CA ILE B 75 -21.74 1.07 22.99
C ILE B 75 -22.69 -0.01 22.53
N SER B 76 -23.76 0.41 21.85
CA SER B 76 -24.84 -0.50 21.48
C SER B 76 -24.39 -1.51 20.43
N THR B 77 -23.69 -1.03 19.41
CA THR B 77 -23.22 -1.93 18.36
C THR B 77 -21.75 -1.70 18.03
N VAL B 78 -20.85 -2.45 18.67
CA VAL B 78 -19.40 -2.22 18.52
C VAL B 78 -18.91 -2.38 17.07
N GLN B 79 -18.04 -1.47 16.66
CA GLN B 79 -17.47 -1.52 15.33
C GLN B 79 -15.96 -1.51 15.47
N ALA B 80 -15.26 -2.13 14.52
CA ALA B 80 -13.81 -2.22 14.55
C ALA B 80 -13.14 -0.88 14.83
N GLU B 81 -13.56 0.14 14.10
CA GLU B 81 -13.09 1.50 14.34
C GLU B 81 -13.29 2.03 15.76
N ASP B 82 -14.00 1.27 16.60
CA ASP B 82 -14.25 1.71 17.98
C ASP B 82 -13.19 1.14 18.92
N LEU B 83 -12.24 0.40 18.36
CA LEU B 83 -11.06 -0.04 19.09
C LEU B 83 -10.30 1.15 19.68
N ALA B 84 -10.24 1.19 21.01
CA ALA B 84 -9.61 2.29 21.74
C ALA B 84 -9.50 1.93 23.23
N VAL B 85 -8.92 2.83 24.02
CA VAL B 85 -9.04 2.71 25.46
C VAL B 85 -10.13 3.70 25.92
N TYR B 86 -11.04 3.28 26.79
CA TYR B 86 -12.10 4.19 27.28
C TYR B 86 -11.91 4.49 28.77
N PHE B 87 -12.00 5.76 29.15
CA PHE B 87 -11.90 6.07 30.56
C PHE B 87 -12.90 7.14 30.99
N CYS B 88 -13.26 7.12 32.28
CA CYS B 88 -14.21 8.10 32.84
C CYS B 88 -13.51 9.21 33.60
N GLN B 89 -14.28 10.23 33.96
CA GLN B 89 -13.81 11.31 34.81
C GLN B 89 -14.96 11.87 35.60
N GLN B 90 -14.74 12.20 36.86
CA GLN B 90 -15.70 13.03 37.59
C GLN B 90 -15.16 14.44 37.57
N GLY B 91 -16.05 15.41 37.36
CA GLY B 91 -15.70 16.82 37.28
C GLY B 91 -16.55 17.59 38.27
N TYR B 92 -17.11 16.86 39.24
CA TYR B 92 -17.91 17.45 40.30
C TYR B 92 -17.10 18.39 41.16
N THR B 93 -15.87 17.97 41.45
CA THR B 93 -14.98 18.76 42.28
C THR B 93 -13.52 18.51 41.96
N SER B 94 -12.69 19.44 42.38
CA SER B 94 -11.25 19.37 42.14
C SER B 94 -10.62 18.60 43.30
N PRO B 95 -9.64 17.73 43.00
CA PRO B 95 -9.13 17.39 41.66
C PRO B 95 -10.09 16.56 40.79
N ARG B 96 -10.21 16.94 39.51
CA ARG B 96 -11.14 16.32 38.58
C ARG B 96 -10.56 15.03 37.96
N THR B 97 -10.72 13.94 38.71
CA THR B 97 -9.95 12.71 38.53
C THR B 97 -10.48 11.68 37.54
N PHE B 98 -9.53 10.95 36.95
CA PHE B 98 -9.81 9.97 35.92
C PHE B 98 -9.88 8.54 36.47
N GLY B 99 -10.73 7.73 35.85
CA GLY B 99 -10.74 6.29 36.08
C GLY B 99 -9.59 5.63 35.34
N GLY B 100 -9.28 4.41 35.71
CA GLY B 100 -8.11 3.72 35.20
C GLY B 100 -8.14 3.34 33.73
N GLY B 101 -9.35 3.21 33.17
CA GLY B 101 -9.49 2.88 31.77
C GLY B 101 -9.87 1.43 31.51
N THR B 102 -10.53 1.21 30.37
CA THR B 102 -10.90 -0.11 29.86
C THR B 102 -10.37 -0.26 28.45
N LYS B 103 -9.65 -1.34 28.16
CA LYS B 103 -9.15 -1.54 26.82
C LYS B 103 -10.15 -2.37 26.03
N LEU B 104 -10.45 -1.93 24.81
CA LEU B 104 -11.41 -2.63 23.99
C LEU B 104 -10.76 -3.20 22.74
N GLU B 105 -10.87 -4.51 22.57
CA GLU B 105 -10.35 -5.19 21.38
C GLU B 105 -11.46 -6.01 20.69
N ILE B 106 -11.29 -6.26 19.38
CA ILE B 106 -12.36 -6.87 18.61
C ILE B 106 -11.99 -8.23 18.05
N LYS B 107 -12.96 -9.12 18.01
CA LYS B 107 -12.77 -10.43 17.40
C LYS B 107 -12.81 -10.34 15.89
N ARG B 108 -12.15 -11.29 15.24
CA ARG B 108 -12.22 -11.45 13.81
C ARG B 108 -11.85 -12.88 13.48
N ALA B 109 -11.84 -13.23 12.19
CA ALA B 109 -11.39 -14.57 11.77
C ALA B 109 -9.92 -14.79 12.06
N ASP B 110 -9.55 -16.03 12.36
CA ASP B 110 -8.15 -16.37 12.63
C ASP B 110 -7.32 -16.08 11.39
N ALA B 111 -6.11 -15.56 11.59
CA ALA B 111 -5.20 -15.21 10.49
C ALA B 111 -3.77 -15.61 10.78
N ALA B 112 -3.13 -16.28 9.83
CA ALA B 112 -1.73 -16.69 10.02
C ALA B 112 -0.81 -15.49 9.84
N PRO B 113 0.28 -15.45 10.60
CA PRO B 113 1.23 -14.36 10.45
C PRO B 113 2.00 -14.43 9.16
N THR B 114 2.15 -13.29 8.48
CA THR B 114 3.16 -13.14 7.43
C THR B 114 4.53 -12.87 8.06
N VAL B 115 5.49 -13.75 7.80
CA VAL B 115 6.79 -13.68 8.45
C VAL B 115 7.97 -13.39 7.49
N SER B 116 8.82 -12.44 7.89
CA SER B 116 10.01 -12.09 7.12
C SER B 116 11.25 -11.91 8.05
N ILE B 117 12.38 -12.48 7.64
CA ILE B 117 13.61 -12.38 8.42
C ILE B 117 14.63 -11.49 7.70
N PHE B 118 15.48 -10.86 8.49
CA PHE B 118 16.45 -9.90 7.97
C PHE B 118 17.84 -10.10 8.55
N PRO B 119 18.82 -10.41 7.69
CA PRO B 119 20.21 -10.39 8.16
C PRO B 119 20.58 -8.97 8.57
N PRO B 120 21.60 -8.85 9.41
CA PRO B 120 22.10 -7.54 9.81
C PRO B 120 22.32 -6.64 8.63
N SER B 121 22.02 -5.36 8.83
CA SER B 121 22.22 -4.41 7.77
C SER B 121 23.67 -4.39 7.37
N SER B 122 23.91 -4.14 6.09
CA SER B 122 25.27 -3.95 5.58
C SER B 122 25.98 -2.84 6.35
N GLU B 123 25.20 -1.82 6.70
CA GLU B 123 25.70 -0.64 7.35
C GLU B 123 26.04 -0.85 8.84
N GLN B 124 25.65 -1.99 9.41
CA GLN B 124 25.81 -2.16 10.85
C GLN B 124 27.07 -2.88 11.32
N LEU B 125 27.52 -3.89 10.57
CA LEU B 125 28.51 -4.84 11.10
C LEU B 125 29.84 -4.21 11.44
N THR B 126 30.12 -3.10 10.76
CA THR B 126 31.30 -2.27 11.02
C THR B 126 31.44 -1.79 12.46
N SER B 127 30.31 -1.44 13.08
CA SER B 127 30.29 -0.91 14.45
C SER B 127 30.52 -1.99 15.48
N GLY B 128 30.68 -3.23 15.03
CA GLY B 128 30.95 -4.34 15.93
C GLY B 128 29.73 -4.97 16.57
N GLY B 129 28.54 -4.61 16.10
CA GLY B 129 27.33 -5.22 16.62
C GLY B 129 26.53 -5.79 15.47
N ALA B 130 25.72 -6.80 15.76
CA ALA B 130 24.90 -7.46 14.75
C ALA B 130 23.47 -7.75 15.22
N SER B 131 22.48 -7.23 14.49
CA SER B 131 21.08 -7.40 14.84
C SER B 131 20.31 -8.14 13.77
N VAL B 132 19.75 -9.30 14.11
CA VAL B 132 18.91 -10.03 13.18
C VAL B 132 17.46 -9.72 13.53
N VAL B 133 16.73 -9.21 12.55
CA VAL B 133 15.37 -8.76 12.80
C VAL B 133 14.35 -9.67 12.11
N CYS B 134 13.29 -10.00 12.83
CA CYS B 134 12.17 -10.76 12.31
C CYS B 134 10.81 -10.07 12.48
N PHE B 135 10.06 -9.91 11.38
CA PHE B 135 8.74 -9.31 11.43
C PHE B 135 7.65 -10.36 11.32
N LEU B 136 6.67 -10.26 12.21
CA LEU B 136 5.51 -11.14 12.19
C LEU B 136 4.25 -10.30 12.10
N ASN B 137 3.79 -10.07 10.87
CA ASN B 137 2.75 -9.10 10.62
C ASN B 137 1.37 -9.71 10.31
N ASN B 138 0.33 -9.02 10.79
CA ASN B 138 -1.07 -9.24 10.41
C ASN B 138 -1.64 -10.62 10.72
N PHE B 139 -1.72 -10.91 12.00
CA PHE B 139 -2.19 -12.17 12.51
C PHE B 139 -3.29 -11.99 13.56
N TYR B 140 -4.05 -13.05 13.81
CA TYR B 140 -5.09 -13.07 14.83
C TYR B 140 -5.34 -14.54 15.17
N PRO B 141 -5.46 -14.87 16.47
CA PRO B 141 -5.42 -14.01 17.65
C PRO B 141 -4.05 -13.47 18.00
N LYS B 142 -3.96 -12.83 19.16
CA LYS B 142 -2.80 -12.00 19.49
C LYS B 142 -1.67 -12.79 20.13
N ASP B 143 -1.96 -13.97 20.63
CA ASP B 143 -0.93 -14.72 21.31
C ASP B 143 -0.11 -15.51 20.33
N ILE B 144 1.20 -15.35 20.41
CA ILE B 144 2.13 -15.89 19.43
C ILE B 144 3.45 -16.10 20.14
N ASN B 145 4.25 -17.04 19.66
CA ASN B 145 5.54 -17.31 20.27
C ASN B 145 6.64 -17.46 19.23
N VAL B 146 7.78 -16.85 19.52
CA VAL B 146 8.93 -16.78 18.62
C VAL B 146 10.18 -17.41 19.22
N LYS B 147 10.76 -18.39 18.52
CA LYS B 147 12.02 -19.02 18.90
C LYS B 147 13.14 -18.63 17.95
N TRP B 148 14.31 -18.28 18.46
CA TRP B 148 15.44 -18.08 17.58
C TRP B 148 16.34 -19.27 17.63
N LYS B 149 16.65 -19.81 16.46
CA LYS B 149 17.56 -20.94 16.38
C LYS B 149 18.81 -20.58 15.58
N ILE B 150 19.96 -20.83 16.21
CA ILE B 150 21.24 -20.67 15.57
C ILE B 150 21.99 -21.98 15.35
N ASP B 151 22.13 -22.39 14.09
CA ASP B 151 22.68 -23.70 13.76
C ASP B 151 21.98 -24.78 14.59
N GLY B 152 20.65 -24.78 14.59
CA GLY B 152 19.89 -25.78 15.30
C GLY B 152 19.58 -25.53 16.78
N SER B 153 20.41 -24.77 17.49
CA SER B 153 20.18 -24.55 18.92
C SER B 153 19.34 -23.32 19.20
N GLU B 154 18.31 -23.46 20.04
CA GLU B 154 17.46 -22.32 20.35
C GLU B 154 18.32 -21.32 21.09
N ARG B 155 18.13 -20.05 20.78
CA ARG B 155 18.85 -18.98 21.48
C ARG B 155 17.86 -18.02 22.12
N GLN B 156 18.04 -17.75 23.41
CA GLN B 156 17.08 -16.98 24.19
C GLN B 156 17.65 -15.65 24.74
N ASN B 157 18.97 -15.57 24.91
CA ASN B 157 19.60 -14.30 25.32
C ASN B 157 19.71 -13.31 24.18
N GLY B 158 19.42 -12.06 24.48
CA GLY B 158 19.57 -11.00 23.50
C GLY B 158 18.36 -10.78 22.62
N VAL B 159 17.21 -11.30 23.05
CA VAL B 159 15.97 -11.19 22.29
C VAL B 159 15.07 -10.09 22.86
N LEU B 160 14.67 -9.17 21.99
CA LEU B 160 13.70 -8.13 22.32
C LEU B 160 12.52 -8.15 21.38
N ASN B 161 11.34 -8.17 21.98
CA ASN B 161 10.10 -8.23 21.24
C ASN B 161 9.30 -6.95 21.48
N SER B 162 8.49 -6.56 20.50
CA SER B 162 7.66 -5.38 20.63
C SER B 162 6.39 -5.67 19.90
N TRP B 163 5.26 -5.17 20.39
CA TRP B 163 3.98 -5.51 19.79
C TRP B 163 3.21 -4.28 19.44
N THR B 164 2.61 -4.27 18.26
CA THR B 164 1.68 -3.21 17.97
C THR B 164 0.37 -3.45 18.67
N ASP B 165 -0.37 -2.37 18.93
CA ASP B 165 -1.78 -2.48 19.27
C ASP B 165 -2.55 -3.06 18.11
N GLN B 166 -3.77 -3.51 18.37
CA GLN B 166 -4.57 -4.04 17.29
C GLN B 166 -4.82 -2.95 16.24
N ASP B 167 -4.87 -3.33 14.97
CA ASP B 167 -5.10 -2.35 13.90
C ASP B 167 -6.58 -2.23 13.56
N SER B 168 -7.12 -1.01 13.52
CA SER B 168 -8.56 -0.86 13.27
C SER B 168 -8.91 -1.01 11.79
N LYS B 169 -7.90 -1.11 10.94
CA LYS B 169 -8.13 -1.30 9.51
C LYS B 169 -8.51 -2.75 9.17
N ASP B 170 -7.84 -3.70 9.80
CA ASP B 170 -8.13 -5.12 9.57
C ASP B 170 -8.24 -5.94 10.85
N SER B 171 -8.30 -5.25 11.99
CA SER B 171 -8.37 -5.90 13.30
C SER B 171 -7.25 -6.90 13.60
N THR B 172 -6.06 -6.70 13.03
CA THR B 172 -4.93 -7.60 13.32
C THR B 172 -3.82 -7.04 14.21
N TYR B 173 -2.90 -7.92 14.59
CA TYR B 173 -1.70 -7.62 15.39
C TYR B 173 -0.43 -7.85 14.59
N SER B 174 0.61 -7.14 14.98
CA SER B 174 1.93 -7.43 14.46
C SER B 174 2.96 -7.42 15.56
N MET B 175 4.06 -8.12 15.31
CA MET B 175 5.12 -8.24 16.29
C MET B 175 6.47 -8.18 15.63
N SER B 176 7.42 -7.59 16.35
CA SER B 176 8.78 -7.49 15.88
C SER B 176 9.72 -8.11 16.90
N SER B 177 10.63 -8.95 16.43
CA SER B 177 11.64 -9.59 17.27
C SER B 177 13.06 -9.29 16.78
N THR B 178 13.97 -9.02 17.71
CA THR B 178 15.35 -8.67 17.37
C THR B 178 16.36 -9.42 18.25
N LEU B 179 17.22 -10.18 17.59
CA LEU B 179 18.32 -10.86 18.25
C LEU B 179 19.59 -9.99 18.14
N THR B 180 20.24 -9.73 19.26
CA THR B 180 21.39 -8.84 19.30
C THR B 180 22.62 -9.66 19.67
N LEU B 181 23.58 -9.70 18.76
CA LEU B 181 24.81 -10.43 18.98
C LEU B 181 25.94 -9.45 18.76
N THR B 182 27.11 -9.76 19.30
CA THR B 182 28.31 -9.05 18.87
C THR B 182 28.59 -9.51 17.45
N LYS B 183 29.34 -8.73 16.69
CA LYS B 183 29.74 -9.16 15.35
C LYS B 183 30.46 -10.51 15.41
N ASP B 184 31.25 -10.73 16.45
CA ASP B 184 31.99 -11.97 16.55
C ASP B 184 31.09 -13.19 16.72
N GLU B 185 30.15 -13.13 17.66
CA GLU B 185 29.15 -14.20 17.81
C GLU B 185 28.49 -14.50 16.46
N TYR B 186 28.09 -13.45 15.76
CA TYR B 186 27.42 -13.58 14.47
C TYR B 186 28.27 -14.29 13.42
N GLU B 187 29.56 -13.98 13.36
CA GLU B 187 30.41 -14.54 12.32
C GLU B 187 30.84 -15.99 12.57
N ARG B 188 30.58 -16.52 13.76
CA ARG B 188 30.99 -17.87 14.08
C ARG B 188 29.97 -18.91 13.63
N HIS B 189 28.74 -18.48 13.34
CA HIS B 189 27.69 -19.43 12.91
C HIS B 189 27.16 -19.06 11.53
N ASN B 190 26.52 -20.02 10.85
CA ASN B 190 26.09 -19.75 9.49
C ASN B 190 24.59 -19.60 9.26
N SER B 191 23.77 -20.36 9.97
CA SER B 191 22.34 -20.31 9.72
C SER B 191 21.54 -19.73 10.90
N TYR B 192 20.58 -18.88 10.58
CA TYR B 192 19.79 -18.14 11.56
C TYR B 192 18.33 -18.38 11.25
N THR B 193 17.58 -18.83 12.26
CA THR B 193 16.18 -19.18 12.06
C THR B 193 15.26 -18.34 12.93
N CYS B 194 14.18 -17.90 12.31
CA CYS B 194 13.06 -17.22 12.96
C CYS B 194 11.87 -18.18 12.93
N GLU B 195 11.29 -18.48 14.09
CA GLU B 195 10.30 -19.54 14.17
C GLU B 195 9.00 -19.12 14.85
N ALA B 196 7.89 -19.13 14.12
CA ALA B 196 6.63 -18.63 14.67
C ALA B 196 5.64 -19.75 14.99
N THR B 197 5.14 -19.78 16.21
CA THR B 197 4.11 -20.74 16.57
C THR B 197 2.80 -20.02 16.94
N HIS B 198 1.70 -20.44 16.29
CA HIS B 198 0.42 -19.74 16.35
C HIS B 198 -0.69 -20.77 16.15
N LYS B 199 -1.85 -20.57 16.76
CA LYS B 199 -2.87 -21.63 16.71
C LYS B 199 -3.43 -21.88 15.31
N THR B 200 -3.07 -21.04 14.35
CA THR B 200 -3.60 -21.18 13.00
C THR B 200 -2.88 -22.27 12.23
N SER B 201 -1.92 -22.90 12.88
CA SER B 201 -1.11 -23.90 12.24
C SER B 201 -0.56 -24.85 13.26
N THR B 202 -0.32 -26.06 12.80
CA THR B 202 0.08 -27.10 13.69
C THR B 202 1.60 -27.24 13.71
N SER B 203 2.25 -26.74 12.67
CA SER B 203 3.71 -26.68 12.58
C SER B 203 4.15 -25.21 12.59
N PRO B 204 5.27 -24.90 13.24
CA PRO B 204 5.74 -23.51 13.25
C PRO B 204 6.01 -23.01 11.84
N ILE B 205 5.85 -21.70 11.64
CA ILE B 205 6.32 -21.05 10.42
C ILE B 205 7.81 -20.71 10.56
N VAL B 206 8.59 -21.21 9.62
CA VAL B 206 10.04 -21.06 9.65
C VAL B 206 10.54 -20.18 8.49
N LYS B 207 11.19 -19.08 8.82
CA LYS B 207 11.90 -18.30 7.83
C LYS B 207 13.35 -18.31 8.24
N SER B 208 14.22 -18.57 7.29
CA SER B 208 15.59 -18.85 7.66
C SER B 208 16.58 -18.31 6.63
N PHE B 209 17.84 -18.13 7.03
CA PHE B 209 18.87 -17.80 6.07
C PHE B 209 20.30 -18.23 6.44
N ASN B 210 21.19 -18.17 5.45
CA ASN B 210 22.60 -18.48 5.65
C ASN B 210 23.52 -17.28 5.48
N ARG B 211 24.43 -17.12 6.43
CA ARG B 211 25.35 -15.97 6.49
C ARG B 211 26.17 -15.76 5.21
N ASN B 212 26.59 -16.84 4.57
CA ASN B 212 27.19 -16.68 3.25
C ASN B 212 26.32 -17.30 2.20
N GLU B 213 25.63 -16.45 1.44
CA GLU B 213 24.87 -16.86 0.27
C GLU B 213 24.52 -15.66 -0.59
N ASN C 1 1.68 -7.99 -47.30
CA ASN C 1 1.33 -7.34 -46.04
C ASN C 1 1.00 -8.36 -44.94
N VAL C 2 2.02 -8.94 -44.33
CA VAL C 2 1.85 -10.07 -43.44
C VAL C 2 0.82 -9.87 -42.30
N ASN C 3 0.02 -10.91 -42.05
CA ASN C 3 -0.95 -10.85 -40.98
C ASN C 3 -1.13 -12.22 -40.30
N LEU C 4 -1.37 -12.22 -39.00
CA LEU C 4 -1.75 -13.42 -38.26
C LEU C 4 -2.98 -13.16 -37.38
N LEU C 5 -3.87 -14.12 -37.26
CA LEU C 5 -5.00 -13.95 -36.35
C LEU C 5 -5.35 -15.21 -35.57
N GLU C 6 -5.18 -15.15 -34.26
CA GLU C 6 -5.40 -16.30 -33.38
C GLU C 6 -6.86 -16.33 -32.95
N SER C 7 -7.45 -17.52 -32.82
CA SER C 7 -8.85 -17.69 -32.46
C SER C 7 -9.01 -18.86 -31.51
N GLY C 8 -10.18 -18.97 -30.86
CA GLY C 8 -10.47 -20.10 -30.01
C GLY C 8 -10.20 -19.95 -28.51
N GLY C 9 -9.65 -18.82 -28.10
CA GLY C 9 -9.38 -18.60 -26.70
C GLY C 9 -10.68 -18.45 -25.94
N GLY C 10 -10.61 -18.49 -24.62
CA GLY C 10 -11.79 -18.41 -23.80
C GLY C 10 -11.62 -19.14 -22.47
N LEU C 11 -12.73 -19.28 -21.76
CA LEU C 11 -12.75 -19.93 -20.46
C LEU C 11 -12.84 -21.44 -20.55
N VAL C 12 -12.04 -22.14 -19.76
CA VAL C 12 -12.00 -23.60 -19.77
C VAL C 12 -11.87 -24.12 -18.33
N GLN C 13 -12.55 -25.22 -18.02
CA GLN C 13 -12.48 -25.81 -16.69
C GLN C 13 -11.16 -26.52 -16.53
N PRO C 14 -10.62 -26.49 -15.30
CA PRO C 14 -9.45 -27.32 -14.99
C PRO C 14 -9.70 -28.75 -15.43
N GLY C 15 -8.75 -29.32 -16.17
CA GLY C 15 -8.93 -30.65 -16.71
C GLY C 15 -9.48 -30.67 -18.13
N GLY C 16 -9.97 -29.53 -18.61
CA GLY C 16 -10.65 -29.48 -19.88
C GLY C 16 -9.77 -29.28 -21.11
N SER C 17 -10.41 -28.95 -22.22
CA SER C 17 -9.77 -28.92 -23.52
C SER C 17 -10.13 -27.68 -24.29
N LEU C 18 -9.29 -27.30 -25.23
CA LEU C 18 -9.50 -26.05 -25.93
C LEU C 18 -8.72 -26.11 -27.21
N ASN C 19 -9.34 -25.71 -28.32
CA ASN C 19 -8.64 -25.78 -29.60
C ASN C 19 -8.41 -24.37 -30.16
N LEU C 20 -7.14 -23.97 -30.22
CA LEU C 20 -6.78 -22.69 -30.84
C LEU C 20 -6.46 -22.83 -32.30
N SER C 21 -6.74 -21.77 -33.05
CA SER C 21 -6.36 -21.71 -34.44
C SER C 21 -5.70 -20.37 -34.72
N CYS C 22 -4.92 -20.36 -35.79
CA CYS C 22 -4.27 -19.15 -36.23
C CYS C 22 -4.35 -19.07 -37.76
N ALA C 23 -4.92 -17.99 -38.27
CA ALA C 23 -5.03 -17.80 -39.71
C ALA C 23 -3.92 -16.88 -40.26
N ALA C 24 -3.16 -17.38 -41.23
CA ALA C 24 -2.08 -16.62 -41.85
C ALA C 24 -2.46 -16.02 -43.20
N SER C 25 -2.04 -14.79 -43.47
CA SER C 25 -2.23 -14.21 -44.80
C SER C 25 -1.14 -13.20 -45.11
N GLY C 26 -1.01 -12.89 -46.40
CA GLY C 26 -0.03 -11.92 -46.85
C GLY C 26 1.34 -12.50 -47.11
N PHE C 27 1.43 -13.82 -47.04
CA PHE C 27 2.63 -14.58 -47.39
C PHE C 27 2.27 -16.06 -47.60
N ASP C 28 3.09 -16.79 -48.33
CA ASP C 28 2.80 -18.19 -48.56
C ASP C 28 3.11 -18.96 -47.28
N PHE C 29 2.06 -19.24 -46.50
CA PHE C 29 2.18 -19.93 -45.21
C PHE C 29 2.94 -21.25 -45.31
N SER C 30 2.81 -21.93 -46.46
CA SER C 30 3.40 -23.25 -46.65
C SER C 30 4.91 -23.23 -46.90
N ARG C 31 5.48 -22.04 -47.01
CA ARG C 31 6.93 -21.93 -47.20
C ARG C 31 7.65 -21.73 -45.85
N TYR C 32 6.91 -21.44 -44.79
CA TYR C 32 7.48 -21.01 -43.52
C TYR C 32 7.24 -21.95 -42.32
N TRP C 33 8.28 -22.10 -41.49
CA TRP C 33 8.12 -22.71 -40.18
C TRP C 33 7.27 -21.83 -39.31
N MET C 34 6.48 -22.45 -38.44
CA MET C 34 5.56 -21.72 -37.60
C MET C 34 5.68 -22.19 -36.14
N SER C 35 5.23 -21.35 -35.22
CA SER C 35 5.37 -21.64 -33.81
C SER C 35 4.26 -21.08 -32.91
N TRP C 36 4.28 -21.52 -31.66
CA TRP C 36 3.42 -20.96 -30.63
C TRP C 36 4.23 -20.48 -29.41
N ALA C 37 3.75 -19.43 -28.75
CA ALA C 37 4.22 -19.03 -27.42
C ALA C 37 3.07 -18.51 -26.55
N ARG C 38 3.37 -18.26 -25.30
CA ARG C 38 2.37 -17.73 -24.43
C ARG C 38 3.02 -16.85 -23.37
N GLN C 39 2.22 -15.97 -22.79
CA GLN C 39 2.67 -15.11 -21.70
C GLN C 39 1.65 -15.08 -20.60
N ALA C 40 1.97 -15.69 -19.46
CA ALA C 40 1.04 -15.69 -18.35
C ALA C 40 1.02 -14.28 -17.79
N PRO C 41 -0.09 -13.90 -17.14
CA PRO C 41 -0.22 -12.53 -16.61
C PRO C 41 0.96 -12.13 -15.70
N GLY C 42 1.66 -11.06 -16.07
CA GLY C 42 2.75 -10.53 -15.26
C GLY C 42 4.11 -11.20 -15.40
N LYS C 43 4.24 -12.16 -16.32
CA LYS C 43 5.43 -13.01 -16.41
C LYS C 43 6.08 -12.95 -17.80
N GLY C 44 7.21 -13.61 -17.97
CA GLY C 44 7.93 -13.56 -19.23
C GLY C 44 7.30 -14.41 -20.31
N GLN C 45 7.82 -14.31 -21.54
CA GLN C 45 7.35 -15.13 -22.64
C GLN C 45 7.78 -16.58 -22.45
N GLU C 46 6.98 -17.49 -22.96
CA GLU C 46 7.31 -18.89 -22.87
C GLU C 46 7.05 -19.51 -24.22
N TRP C 47 8.11 -20.13 -24.76
CA TRP C 47 8.05 -20.87 -26.00
C TRP C 47 7.28 -22.17 -25.84
N ILE C 48 6.31 -22.39 -26.69
CA ILE C 48 5.53 -23.63 -26.61
C ILE C 48 6.02 -24.69 -27.57
N GLY C 49 6.18 -24.33 -28.85
CA GLY C 49 6.68 -25.26 -29.83
C GLY C 49 6.71 -24.75 -31.26
N GLU C 50 7.15 -25.63 -32.18
CA GLU C 50 7.35 -25.26 -33.58
C GLU C 50 7.01 -26.42 -34.51
N ILE C 51 6.75 -26.08 -35.77
CA ILE C 51 6.41 -27.08 -36.77
C ILE C 51 6.94 -26.62 -38.13
N ASN C 52 7.62 -27.50 -38.89
CA ASN C 52 8.11 -27.12 -40.21
C ASN C 52 6.99 -27.15 -41.31
N PRO C 53 7.27 -26.61 -42.53
CA PRO C 53 6.19 -26.60 -43.53
C PRO C 53 5.56 -27.98 -43.83
N GLY C 54 6.35 -29.05 -43.74
CA GLY C 54 5.86 -30.39 -44.07
C GLY C 54 5.29 -31.23 -42.92
N SER C 55 5.22 -30.67 -41.71
CA SER C 55 4.78 -31.41 -40.51
C SER C 55 5.68 -32.60 -40.15
N SER C 56 6.85 -32.67 -40.75
CA SER C 56 7.75 -33.80 -40.51
C SER C 56 8.65 -33.55 -39.31
N THR C 57 8.62 -32.32 -38.83
CA THR C 57 9.33 -31.91 -37.63
C THR C 57 8.39 -31.07 -36.77
N ILE C 58 8.10 -31.56 -35.58
CA ILE C 58 7.24 -30.89 -34.62
C ILE C 58 7.86 -31.00 -33.22
N LYS C 59 8.19 -29.87 -32.61
CA LYS C 59 8.89 -29.92 -31.34
C LYS C 59 8.11 -29.15 -30.27
N TYR C 60 8.31 -29.55 -29.02
CA TYR C 60 7.61 -29.00 -27.88
C TYR C 60 8.56 -28.69 -26.75
N THR C 61 8.21 -27.73 -25.91
CA THR C 61 8.91 -27.67 -24.64
C THR C 61 8.43 -28.89 -23.80
N PRO C 62 9.36 -29.60 -23.16
CA PRO C 62 9.09 -30.90 -22.52
C PRO C 62 7.85 -30.94 -21.62
N SER C 63 7.65 -29.92 -20.79
CA SER C 63 6.54 -29.88 -19.84
C SER C 63 5.15 -29.85 -20.53
N LEU C 64 5.15 -29.55 -21.83
CA LEU C 64 3.91 -29.46 -22.58
C LEU C 64 3.77 -30.59 -23.61
N LYS C 65 4.78 -31.44 -23.65
CA LYS C 65 4.89 -32.47 -24.68
C LYS C 65 3.72 -33.47 -24.65
N ASP C 66 3.08 -33.63 -23.50
CA ASP C 66 1.99 -34.60 -23.38
C ASP C 66 0.55 -34.01 -23.24
N LYS C 67 0.45 -32.70 -23.13
CA LYS C 67 -0.83 -32.00 -23.03
C LYS C 67 -1.24 -31.39 -24.37
N PHE C 68 -0.27 -30.77 -25.03
CA PHE C 68 -0.49 -29.98 -26.25
C PHE C 68 -0.12 -30.71 -27.54
N ILE C 69 -0.91 -30.48 -28.58
CA ILE C 69 -0.63 -30.99 -29.91
C ILE C 69 -0.62 -29.86 -30.95
N ILE C 70 0.45 -29.78 -31.73
CA ILE C 70 0.61 -28.77 -32.76
C ILE C 70 0.41 -29.37 -34.15
N SER C 71 -0.37 -28.70 -34.99
CA SER C 71 -0.56 -29.18 -36.34
C SER C 71 -0.82 -28.02 -37.25
N ARG C 72 -0.80 -28.28 -38.54
CA ARG C 72 -1.02 -27.22 -39.49
C ARG C 72 -1.72 -27.81 -40.69
N ASP C 73 -2.46 -26.97 -41.41
CA ASP C 73 -3.11 -27.36 -42.65
C ASP C 73 -2.79 -26.34 -43.74
N ASN C 74 -1.77 -26.60 -44.53
CA ASN C 74 -1.31 -25.61 -45.51
C ASN C 74 -2.41 -25.26 -46.52
N ALA C 75 -3.35 -26.18 -46.74
CA ALA C 75 -4.47 -25.92 -47.64
C ALA C 75 -5.40 -24.84 -47.08
N LYS C 76 -5.35 -24.65 -45.77
CA LYS C 76 -6.19 -23.63 -45.16
C LYS C 76 -5.38 -22.46 -44.60
N ASN C 77 -4.08 -22.42 -44.86
CA ASN C 77 -3.20 -21.40 -44.29
C ASN C 77 -3.39 -21.26 -42.79
N THR C 78 -3.61 -22.36 -42.07
CA THR C 78 -3.96 -22.24 -40.67
C THR C 78 -3.04 -23.09 -39.78
N LEU C 79 -2.63 -22.51 -38.65
CA LEU C 79 -1.89 -23.25 -37.64
C LEU C 79 -2.87 -23.59 -36.51
N TYR C 80 -2.69 -24.74 -35.87
CA TYR C 80 -3.56 -25.22 -34.79
C TYR C 80 -2.81 -25.59 -33.50
N LEU C 81 -3.52 -25.51 -32.39
CA LEU C 81 -3.00 -26.02 -31.13
C LEU C 81 -4.12 -26.69 -30.34
N GLN C 82 -4.00 -27.99 -30.09
CA GLN C 82 -4.93 -28.67 -29.22
C GLN C 82 -4.38 -28.74 -27.81
N MET C 83 -5.11 -28.13 -26.89
CA MET C 83 -4.77 -28.11 -25.48
C MET C 83 -5.72 -29.05 -24.76
N SER C 84 -5.18 -29.90 -23.89
CA SER C 84 -6.03 -30.79 -23.10
C SER C 84 -5.48 -30.88 -21.68
N LYS C 85 -6.29 -31.43 -20.79
CA LYS C 85 -6.01 -31.55 -19.35
C LYS C 85 -5.29 -30.33 -18.77
N VAL C 86 -5.85 -29.16 -19.03
CA VAL C 86 -5.25 -27.91 -18.66
C VAL C 86 -5.29 -27.69 -17.16
N SER C 87 -4.27 -27.02 -16.65
CA SER C 87 -4.20 -26.62 -15.26
C SER C 87 -4.15 -25.11 -15.30
N SER C 88 -4.16 -24.48 -14.14
CA SER C 88 -4.21 -23.02 -14.09
C SER C 88 -2.92 -22.37 -14.61
N GLU C 89 -1.86 -23.17 -14.74
CA GLU C 89 -0.62 -22.69 -15.29
C GLU C 89 -0.75 -22.19 -16.72
N ASP C 90 -1.78 -22.68 -17.39
CA ASP C 90 -1.96 -22.50 -18.81
C ASP C 90 -2.75 -21.23 -19.09
N THR C 91 -3.22 -20.61 -18.03
CA THR C 91 -3.82 -19.31 -18.13
C THR C 91 -2.80 -18.29 -18.63
N ALA C 92 -3.03 -17.75 -19.83
CA ALA C 92 -2.12 -16.81 -20.44
C ALA C 92 -2.69 -16.32 -21.76
N LEU C 93 -2.01 -15.33 -22.32
CA LEU C 93 -2.20 -14.90 -23.70
C LEU C 93 -1.32 -15.77 -24.63
N TYR C 94 -1.97 -16.31 -25.67
CA TYR C 94 -1.37 -17.27 -26.58
C TYR C 94 -1.07 -16.65 -27.96
N TYR C 95 0.22 -16.67 -28.34
CA TYR C 95 0.67 -16.11 -29.62
C TYR C 95 1.07 -17.17 -30.63
N CYS C 96 0.69 -16.98 -31.88
CA CYS C 96 1.35 -17.74 -32.91
C CYS C 96 2.34 -16.79 -33.60
N ALA C 97 3.43 -17.34 -34.13
CA ALA C 97 4.44 -16.53 -34.79
C ALA C 97 5.12 -17.25 -35.97
N ARG C 98 5.50 -16.45 -36.95
CA ARG C 98 6.26 -16.93 -38.09
C ARG C 98 7.77 -16.92 -37.77
N TYR C 99 8.48 -17.93 -38.27
CA TYR C 99 9.95 -17.92 -38.23
C TYR C 99 10.43 -17.24 -39.50
N GLY C 100 11.41 -16.35 -39.37
CA GLY C 100 12.04 -15.73 -40.53
C GLY C 100 12.74 -16.81 -41.35
N SER C 101 12.96 -16.54 -42.63
CA SER C 101 13.76 -17.44 -43.45
C SER C 101 15.20 -17.59 -42.88
N TYR C 102 15.65 -18.83 -42.78
CA TYR C 102 17.01 -19.16 -42.35
C TYR C 102 17.33 -18.84 -40.90
N VAL C 103 16.31 -18.51 -40.10
CA VAL C 103 16.51 -18.39 -38.65
C VAL C 103 15.39 -19.07 -37.87
N TYR C 104 15.73 -19.64 -36.72
CA TYR C 104 14.76 -20.15 -35.76
C TYR C 104 14.39 -19.02 -34.80
N ALA C 105 14.01 -17.88 -35.35
CA ALA C 105 13.62 -16.73 -34.54
C ALA C 105 12.29 -16.21 -35.05
N MET C 106 11.45 -15.68 -34.18
CA MET C 106 10.08 -15.37 -34.57
C MET C 106 9.98 -13.93 -35.12
N ASP C 107 9.89 -13.81 -36.44
CA ASP C 107 9.92 -12.49 -37.10
C ASP C 107 8.56 -11.77 -37.09
N TYR C 108 7.45 -12.49 -37.09
CA TYR C 108 6.15 -11.83 -37.01
C TYR C 108 5.25 -12.55 -36.01
N TRP C 109 4.57 -11.78 -35.14
CA TRP C 109 3.71 -12.31 -34.07
C TRP C 109 2.25 -11.86 -34.19
N GLY C 110 1.33 -12.77 -33.89
CA GLY C 110 -0.08 -12.45 -33.87
C GLY C 110 -0.46 -11.60 -32.67
N PRO C 111 -1.67 -11.03 -32.66
CA PRO C 111 -2.11 -10.27 -31.49
C PRO C 111 -2.33 -11.12 -30.24
N GLY C 112 -2.57 -12.41 -30.43
CA GLY C 112 -2.78 -13.27 -29.28
C GLY C 112 -4.26 -13.51 -29.02
N THR C 113 -4.56 -14.61 -28.33
CA THR C 113 -5.91 -14.94 -27.92
C THR C 113 -5.85 -15.41 -26.44
N SER C 114 -6.78 -14.91 -25.64
CA SER C 114 -6.75 -15.12 -24.19
C SER C 114 -7.32 -16.46 -23.77
N VAL C 115 -6.60 -17.12 -22.86
CA VAL C 115 -7.07 -18.37 -22.28
C VAL C 115 -7.08 -18.30 -20.76
N THR C 116 -8.22 -18.63 -20.18
CA THR C 116 -8.35 -18.64 -18.73
C THR C 116 -8.80 -20.01 -18.24
N VAL C 117 -8.05 -20.58 -17.30
CA VAL C 117 -8.38 -21.88 -16.74
C VAL C 117 -8.90 -21.72 -15.30
N SER C 118 -10.19 -21.99 -15.11
CA SER C 118 -10.84 -21.72 -13.83
C SER C 118 -12.19 -22.40 -13.65
N SER C 119 -12.48 -22.79 -12.41
CA SER C 119 -13.76 -23.38 -12.08
C SER C 119 -14.86 -22.33 -12.04
N ALA C 120 -14.47 -21.06 -11.98
CA ALA C 120 -15.40 -19.96 -11.79
C ALA C 120 -16.27 -19.72 -13.02
N LYS C 121 -17.36 -18.99 -12.83
CA LYS C 121 -18.34 -18.90 -13.90
C LYS C 121 -18.34 -17.55 -14.60
N THR C 122 -18.60 -17.62 -15.90
CA THR C 122 -18.62 -16.45 -16.77
C THR C 122 -19.62 -15.42 -16.29
N THR C 123 -19.18 -14.17 -16.16
CA THR C 123 -20.05 -13.12 -15.65
C THR C 123 -19.93 -11.89 -16.52
N ALA C 124 -21.04 -11.40 -17.03
CA ALA C 124 -21.04 -10.22 -17.88
C ALA C 124 -20.84 -8.97 -17.05
N PRO C 125 -20.16 -7.96 -17.60
CA PRO C 125 -19.98 -6.71 -16.87
C PRO C 125 -21.25 -5.86 -16.80
N SER C 126 -21.35 -5.04 -15.76
CA SER C 126 -22.26 -3.90 -15.75
C SER C 126 -21.44 -2.71 -16.25
N VAL C 127 -22.07 -1.83 -17.02
CA VAL C 127 -21.35 -0.70 -17.54
C VAL C 127 -22.03 0.60 -17.11
N TYR C 128 -21.28 1.45 -16.39
CA TYR C 128 -21.82 2.69 -15.83
C TYR C 128 -21.11 3.93 -16.38
N PRO C 129 -21.85 4.82 -17.04
CA PRO C 129 -21.28 6.09 -17.50
C PRO C 129 -20.90 7.01 -16.33
N LEU C 130 -19.76 7.68 -16.39
CA LEU C 130 -19.40 8.62 -15.33
C LEU C 130 -19.36 10.05 -15.87
N ALA C 131 -20.26 10.88 -15.39
CA ALA C 131 -20.35 12.24 -15.87
C ALA C 131 -19.74 13.12 -14.82
N PRO C 132 -19.28 14.32 -15.21
CA PRO C 132 -18.61 15.16 -14.21
C PRO C 132 -19.52 15.51 -13.02
N VAL C 133 -18.93 16.09 -11.96
CA VAL C 133 -19.66 16.39 -10.74
C VAL C 133 -20.82 17.31 -11.06
N CYS C 134 -21.95 17.07 -10.40
CA CYS C 134 -23.23 17.71 -10.70
C CYS C 134 -23.03 19.23 -10.82
N GLY C 135 -22.40 19.85 -9.84
CA GLY C 135 -22.07 21.26 -9.98
C GLY C 135 -20.77 21.44 -10.75
N ASP C 136 -20.78 21.13 -12.04
CA ASP C 136 -19.55 21.11 -12.85
C ASP C 136 -18.92 22.49 -13.05
N THR C 137 -17.61 22.57 -12.89
CA THR C 137 -16.93 23.83 -13.25
C THR C 137 -16.32 23.63 -14.64
N THR C 138 -16.76 24.51 -15.54
CA THR C 138 -16.28 24.55 -16.91
C THR C 138 -14.82 25.01 -16.91
N GLY C 139 -13.97 24.22 -17.57
CA GLY C 139 -12.59 24.56 -17.77
C GLY C 139 -12.38 24.45 -19.26
N SER C 140 -11.15 24.63 -19.72
CA SER C 140 -10.86 24.52 -21.14
C SER C 140 -11.24 23.12 -21.62
N SER C 141 -11.03 22.14 -20.75
CA SER C 141 -11.30 20.74 -21.08
C SER C 141 -12.25 20.10 -20.05
N VAL C 142 -12.78 18.94 -20.39
CA VAL C 142 -13.61 18.21 -19.45
C VAL C 142 -13.25 16.73 -19.59
N THR C 143 -13.37 15.97 -18.51
CA THR C 143 -12.97 14.56 -18.49
C THR C 143 -14.13 13.66 -18.13
N LEU C 144 -14.38 12.65 -18.96
CA LEU C 144 -15.49 11.72 -18.76
C LEU C 144 -14.93 10.37 -18.42
N GLY C 145 -15.77 9.50 -17.86
CA GLY C 145 -15.33 8.17 -17.49
C GLY C 145 -16.31 7.10 -17.87
N CYS C 146 -15.83 5.87 -17.88
CA CYS C 146 -16.64 4.70 -18.12
C CYS C 146 -16.24 3.66 -17.09
N LEU C 147 -17.19 3.05 -16.39
CA LEU C 147 -16.84 2.06 -15.38
C LEU C 147 -17.33 0.67 -15.75
N VAL C 148 -16.44 -0.32 -15.71
CA VAL C 148 -16.77 -1.70 -16.08
C VAL C 148 -16.55 -2.63 -14.89
N LYS C 149 -17.65 -3.03 -14.26
CA LYS C 149 -17.58 -3.66 -12.96
C LYS C 149 -18.11 -5.10 -12.98
N GLY C 150 -17.40 -6.00 -12.31
CA GLY C 150 -17.88 -7.34 -12.05
C GLY C 150 -17.98 -8.35 -13.18
N TYR C 151 -16.94 -8.52 -13.98
CA TYR C 151 -17.01 -9.51 -15.07
C TYR C 151 -15.97 -10.59 -14.91
N PHE C 152 -16.16 -11.67 -15.66
CA PHE C 152 -15.24 -12.81 -15.64
C PHE C 152 -15.46 -13.69 -16.84
N PRO C 153 -14.37 -14.09 -17.52
CA PRO C 153 -13.00 -13.66 -17.24
C PRO C 153 -12.59 -12.46 -18.06
N GLU C 154 -11.28 -12.22 -18.07
CA GLU C 154 -10.64 -11.32 -19.00
C GLU C 154 -10.67 -11.92 -20.41
N PRO C 155 -10.60 -11.08 -21.45
CA PRO C 155 -10.49 -9.62 -21.47
C PRO C 155 -11.81 -8.93 -21.73
N VAL C 156 -11.74 -7.62 -21.64
CA VAL C 156 -12.77 -6.75 -22.12
C VAL C 156 -12.11 -5.83 -23.14
N THR C 157 -12.86 -5.36 -24.13
CA THR C 157 -12.32 -4.31 -24.98
C THR C 157 -13.18 -3.07 -24.80
N LEU C 158 -12.52 -1.92 -24.71
CA LEU C 158 -13.23 -0.68 -24.50
C LEU C 158 -12.73 0.35 -25.48
N THR C 159 -13.66 1.02 -26.16
CA THR C 159 -13.35 2.14 -27.03
C THR C 159 -14.31 3.33 -26.80
N TRP C 160 -13.96 4.47 -27.37
CA TRP C 160 -14.81 5.65 -27.33
C TRP C 160 -15.23 6.06 -28.75
N ASN C 161 -16.53 6.26 -28.93
CA ASN C 161 -17.18 6.58 -30.21
C ASN C 161 -16.70 5.66 -31.32
N SER C 162 -16.74 4.37 -31.00
CA SER C 162 -16.36 3.29 -31.90
C SER C 162 -14.89 3.36 -32.34
N GLY C 163 -14.06 4.02 -31.55
CA GLY C 163 -12.65 4.07 -31.82
C GLY C 163 -12.24 5.36 -32.50
N SER C 164 -13.21 6.21 -32.79
CA SER C 164 -12.92 7.44 -33.50
C SER C 164 -12.52 8.52 -32.52
N LEU C 165 -12.63 8.23 -31.23
CA LEU C 165 -12.04 9.07 -30.20
C LEU C 165 -10.91 8.30 -29.50
N SER C 166 -9.66 8.63 -29.83
CA SER C 166 -8.55 7.86 -29.30
C SER C 166 -7.57 8.69 -28.48
N SER C 167 -7.45 9.96 -28.83
CA SER C 167 -6.62 10.88 -28.06
C SER C 167 -7.28 11.24 -26.74
N GLY C 168 -6.49 11.38 -25.68
CA GLY C 168 -7.00 11.80 -24.40
C GLY C 168 -7.64 10.65 -23.65
N VAL C 169 -7.42 9.43 -24.14
CA VAL C 169 -7.98 8.23 -23.54
C VAL C 169 -6.98 7.54 -22.61
N HIS C 170 -7.42 7.17 -21.42
CA HIS C 170 -6.64 6.30 -20.55
C HIS C 170 -7.54 5.16 -20.06
N THR C 171 -7.29 3.97 -20.57
CA THR C 171 -7.95 2.77 -20.13
C THR C 171 -7.04 1.99 -19.18
N PHE C 172 -7.52 1.78 -17.96
CA PHE C 172 -6.71 1.21 -16.87
C PHE C 172 -6.81 -0.29 -16.80
N PRO C 173 -5.68 -0.95 -16.46
CA PRO C 173 -5.64 -2.40 -16.21
C PRO C 173 -6.76 -2.83 -15.30
N ALA C 174 -7.42 -3.95 -15.61
CA ALA C 174 -8.44 -4.51 -14.75
C ALA C 174 -7.88 -4.91 -13.38
N VAL C 175 -8.73 -4.89 -12.35
CA VAL C 175 -8.33 -5.32 -11.01
C VAL C 175 -9.31 -6.39 -10.51
N LEU C 176 -8.76 -7.46 -9.94
CA LEU C 176 -9.53 -8.63 -9.56
C LEU C 176 -9.96 -8.54 -8.09
N GLN C 177 -11.20 -8.91 -7.82
CA GLN C 177 -11.74 -8.88 -6.47
C GLN C 177 -12.72 -10.04 -6.27
N SER C 178 -12.28 -11.07 -5.54
CA SER C 178 -13.06 -12.28 -5.26
C SER C 178 -13.78 -12.79 -6.51
N ASP C 179 -12.97 -13.25 -7.47
CA ASP C 179 -13.44 -13.86 -8.71
C ASP C 179 -14.18 -12.92 -9.64
N LEU C 180 -13.97 -11.61 -9.50
CA LEU C 180 -14.59 -10.67 -10.44
C LEU C 180 -13.68 -9.50 -10.77
N TYR C 181 -13.59 -9.18 -12.06
CA TYR C 181 -12.72 -8.10 -12.55
C TYR C 181 -13.49 -6.82 -12.71
N THR C 182 -12.82 -5.71 -12.37
CA THR C 182 -13.28 -4.35 -12.60
C THR C 182 -12.17 -3.53 -13.28
N LEU C 183 -12.61 -2.68 -14.19
CA LEU C 183 -11.76 -1.86 -15.02
C LEU C 183 -12.46 -0.52 -15.32
N SER C 184 -11.69 0.52 -15.58
CA SER C 184 -12.24 1.83 -15.88
C SER C 184 -11.50 2.54 -17.00
N SER C 185 -12.18 3.45 -17.69
CA SER C 185 -11.50 4.28 -18.70
C SER C 185 -11.94 5.76 -18.62
N SER C 186 -10.99 6.66 -18.79
CA SER C 186 -11.29 8.09 -18.80
C SER C 186 -10.99 8.67 -20.17
N VAL C 187 -11.73 9.69 -20.57
CA VAL C 187 -11.37 10.42 -21.77
C VAL C 187 -11.48 11.92 -21.54
N THR C 188 -10.51 12.65 -22.04
CA THR C 188 -10.48 14.09 -21.89
C THR C 188 -10.56 14.79 -23.23
N VAL C 189 -11.54 15.66 -23.35
CA VAL C 189 -11.74 16.44 -24.57
C VAL C 189 -11.94 17.92 -24.22
N THR C 190 -11.79 18.83 -25.18
CA THR C 190 -12.01 20.23 -24.88
C THR C 190 -13.48 20.45 -24.58
N SER C 191 -13.78 21.46 -23.76
CA SER C 191 -15.14 21.66 -23.27
C SER C 191 -16.05 22.23 -24.33
N SER C 192 -15.48 22.71 -25.43
CA SER C 192 -16.29 23.18 -26.54
C SER C 192 -16.68 22.00 -27.45
N THR C 193 -16.30 20.81 -27.03
CA THR C 193 -16.65 19.59 -27.75
C THR C 193 -17.83 18.88 -27.10
N TRP C 194 -17.78 18.80 -25.78
CA TRP C 194 -18.79 18.11 -25.00
C TRP C 194 -19.36 19.11 -24.02
N PRO C 195 -20.68 19.08 -23.80
CA PRO C 195 -21.63 18.07 -24.30
C PRO C 195 -22.28 18.35 -25.65
N SER C 196 -21.87 19.40 -26.36
CA SER C 196 -22.48 19.73 -27.65
C SER C 196 -22.44 18.58 -28.63
N GLN C 197 -21.36 17.81 -28.60
CA GLN C 197 -21.22 16.60 -29.39
C GLN C 197 -21.26 15.41 -28.46
N SER C 198 -21.68 14.26 -28.97
CA SER C 198 -21.91 13.13 -28.11
C SER C 198 -20.67 12.28 -27.96
N ILE C 199 -20.61 11.62 -26.81
CA ILE C 199 -19.51 10.77 -26.45
C ILE C 199 -20.09 9.51 -25.83
N THR C 200 -19.74 8.37 -26.40
CA THR C 200 -20.22 7.05 -25.97
C THR C 200 -19.05 6.10 -25.76
N CYS C 201 -19.07 5.29 -24.70
CA CYS C 201 -18.04 4.26 -24.56
C CYS C 201 -18.63 2.93 -25.02
N ASN C 202 -17.78 2.14 -25.67
CA ASN C 202 -18.19 0.87 -26.22
C ASN C 202 -17.41 -0.21 -25.52
N VAL C 203 -18.12 -1.12 -24.89
CA VAL C 203 -17.53 -2.18 -24.12
C VAL C 203 -17.95 -3.51 -24.71
N ALA C 204 -16.99 -4.39 -24.99
CA ALA C 204 -17.31 -5.73 -25.46
C ALA C 204 -16.73 -6.77 -24.51
N HIS C 205 -17.52 -7.80 -24.25
CA HIS C 205 -17.08 -8.95 -23.47
C HIS C 205 -17.40 -10.24 -24.22
N PRO C 206 -16.42 -10.77 -24.97
CA PRO C 206 -16.64 -11.93 -25.84
C PRO C 206 -17.14 -13.16 -25.08
N ALA C 207 -16.51 -13.43 -23.94
CA ALA C 207 -16.83 -14.63 -23.13
C ALA C 207 -18.30 -14.77 -22.81
N SER C 208 -19.00 -13.64 -22.72
CA SER C 208 -20.42 -13.63 -22.39
C SER C 208 -21.27 -13.05 -23.52
N SER C 209 -20.67 -12.93 -24.71
CA SER C 209 -21.34 -12.35 -25.86
C SER C 209 -21.99 -11.00 -25.56
N THR C 210 -21.29 -10.15 -24.84
CA THR C 210 -21.77 -8.83 -24.43
C THR C 210 -21.24 -7.68 -25.31
N LYS C 211 -22.13 -6.85 -25.81
CA LYS C 211 -21.75 -5.62 -26.48
C LYS C 211 -22.66 -4.53 -25.93
N VAL C 212 -22.12 -3.68 -25.07
CA VAL C 212 -22.92 -2.64 -24.43
C VAL C 212 -22.30 -1.26 -24.66
N ASP C 213 -23.13 -0.29 -25.05
CA ASP C 213 -22.71 1.10 -25.22
C ASP C 213 -23.42 1.98 -24.20
N LYS C 214 -22.70 2.97 -23.67
CA LYS C 214 -23.26 3.96 -22.73
C LYS C 214 -22.92 5.35 -23.23
N LYS C 215 -23.95 6.16 -23.42
CA LYS C 215 -23.78 7.54 -23.81
C LYS C 215 -23.62 8.40 -22.57
N ILE C 216 -22.66 9.32 -22.61
CA ILE C 216 -22.37 10.13 -21.46
C ILE C 216 -22.98 11.49 -21.65
N GLU C 217 -23.80 11.90 -20.69
CA GLU C 217 -24.48 13.19 -20.74
C GLU C 217 -24.44 13.82 -19.35
N PRO C 218 -24.56 15.16 -19.29
CA PRO C 218 -24.41 15.81 -17.98
C PRO C 218 -25.45 15.34 -16.97
N ARG C 219 -25.09 15.34 -15.70
CA ARG C 219 -26.04 14.95 -14.66
C ARG C 219 -27.12 16.02 -14.58
N GLY C 220 -28.28 15.67 -14.05
CA GLY C 220 -29.37 16.63 -14.02
C GLY C 220 -30.65 16.13 -14.68
N PRO C 221 -31.71 16.97 -14.63
CA PRO C 221 -33.07 16.58 -15.04
C PRO C 221 -33.24 16.45 -16.55
N THR C 222 -34.16 15.57 -16.97
CA THR C 222 -34.50 15.41 -18.38
C THR C 222 -35.97 15.03 -18.48
N SER D 1 16.74 -28.22 -21.09
CA SER D 1 16.28 -26.83 -21.23
C SER D 1 17.35 -25.83 -20.80
N ILE D 2 17.66 -24.89 -21.67
CA ILE D 2 18.70 -23.92 -21.40
C ILE D 2 18.08 -22.70 -20.77
N VAL D 3 18.58 -22.32 -19.60
CA VAL D 3 18.05 -21.16 -18.91
C VAL D 3 18.74 -19.84 -19.33
N MET D 4 17.94 -18.81 -19.52
CA MET D 4 18.44 -17.52 -19.94
C MET D 4 18.20 -16.46 -18.87
N THR D 5 19.27 -16.00 -18.24
CA THR D 5 19.19 -15.05 -17.13
C THR D 5 19.49 -13.65 -17.68
N GLN D 6 18.50 -12.78 -17.61
CA GLN D 6 18.55 -11.47 -18.24
C GLN D 6 18.57 -10.40 -17.15
N THR D 7 19.49 -9.43 -17.24
CA THR D 7 19.61 -8.35 -16.24
C THR D 7 19.92 -7.00 -16.90
N PRO D 8 19.50 -5.87 -16.29
CA PRO D 8 18.67 -5.76 -15.08
C PRO D 8 17.22 -6.01 -15.45
N LYS D 9 16.36 -6.07 -14.44
CA LYS D 9 14.95 -6.26 -14.69
C LYS D 9 14.27 -4.95 -15.08
N PHE D 10 14.82 -3.85 -14.60
CA PHE D 10 14.22 -2.54 -14.83
C PHE D 10 15.27 -1.46 -15.13
N LEU D 11 14.94 -0.50 -15.99
CA LEU D 11 15.86 0.57 -16.39
C LEU D 11 15.09 1.91 -16.49
N LEU D 12 15.51 2.92 -15.76
CA LEU D 12 14.92 4.26 -15.87
C LEU D 12 15.97 5.20 -16.34
N VAL D 13 15.73 5.81 -17.49
CA VAL D 13 16.81 6.50 -18.14
C VAL D 13 16.32 7.73 -18.88
N SER D 14 17.22 8.65 -19.12
CA SER D 14 16.88 9.92 -19.72
C SER D 14 17.05 9.78 -21.23
N ALA D 15 16.31 10.55 -22.01
CA ALA D 15 16.48 10.50 -23.46
C ALA D 15 17.88 10.94 -23.86
N GLY D 16 18.50 10.18 -24.76
CA GLY D 16 19.86 10.46 -25.19
C GLY D 16 20.83 9.49 -24.54
N ASP D 17 20.42 8.87 -23.43
CA ASP D 17 21.27 7.93 -22.71
C ASP D 17 21.48 6.63 -23.50
N ARG D 18 22.59 5.94 -23.22
CA ARG D 18 22.88 4.64 -23.79
C ARG D 18 22.52 3.58 -22.77
N ILE D 19 21.97 2.46 -23.21
CA ILE D 19 21.64 1.41 -22.27
C ILE D 19 22.10 0.07 -22.79
N THR D 20 22.41 -0.84 -21.86
CA THR D 20 22.89 -2.15 -22.21
C THR D 20 22.27 -3.25 -21.37
N ILE D 21 21.67 -4.22 -22.03
CA ILE D 21 21.06 -5.33 -21.35
C ILE D 21 21.92 -6.57 -21.56
N THR D 22 22.00 -7.37 -20.52
CA THR D 22 22.85 -8.54 -20.49
C THR D 22 22.00 -9.80 -20.32
N CYS D 23 22.34 -10.81 -21.13
CA CYS D 23 21.68 -12.11 -21.07
C CYS D 23 22.74 -13.20 -20.88
N LYS D 24 22.57 -14.03 -19.88
CA LYS D 24 23.53 -15.10 -19.70
C LYS D 24 22.85 -16.48 -19.83
N ALA D 25 23.50 -17.35 -20.60
CA ALA D 25 22.92 -18.65 -20.92
C ALA D 25 23.51 -19.71 -20.01
N SER D 26 22.68 -20.65 -19.58
CA SER D 26 23.14 -21.70 -18.68
C SER D 26 24.10 -22.66 -19.40
N GLN D 27 24.08 -22.68 -20.73
CA GLN D 27 25.09 -23.39 -21.55
C GLN D 27 25.45 -22.57 -22.73
N SER D 28 26.58 -22.90 -23.33
CA SER D 28 26.96 -22.33 -24.59
C SER D 28 25.83 -22.51 -25.61
N VAL D 29 25.50 -21.44 -26.32
CA VAL D 29 24.53 -21.47 -27.40
C VAL D 29 25.12 -20.88 -28.68
N ARG D 30 26.45 -20.97 -28.80
CA ARG D 30 27.17 -20.52 -29.99
C ARG D 30 26.92 -19.03 -30.24
N ASN D 31 26.24 -18.70 -31.32
CA ASN D 31 25.90 -17.33 -31.65
C ASN D 31 24.42 -17.11 -31.83
N ASP D 32 23.62 -18.08 -31.40
CA ASP D 32 22.22 -18.11 -31.84
C ASP D 32 21.27 -17.44 -30.85
N VAL D 33 21.38 -16.12 -30.72
CA VAL D 33 20.56 -15.38 -29.79
C VAL D 33 19.77 -14.26 -30.50
N ALA D 34 18.49 -14.09 -30.12
CA ALA D 34 17.67 -13.02 -30.66
C ALA D 34 17.15 -12.07 -29.57
N TRP D 35 16.87 -10.84 -29.96
CA TRP D 35 16.34 -9.86 -29.03
C TRP D 35 15.04 -9.33 -29.57
N TYR D 36 14.05 -9.20 -28.68
CA TYR D 36 12.72 -8.70 -29.03
C TYR D 36 12.31 -7.42 -28.27
N GLN D 37 11.54 -6.59 -28.95
CA GLN D 37 10.91 -5.45 -28.32
C GLN D 37 9.40 -5.69 -28.24
N GLN D 38 8.83 -5.41 -27.08
CA GLN D 38 7.39 -5.48 -26.89
C GLN D 38 6.88 -4.20 -26.26
N LYS D 39 6.37 -3.31 -27.10
CA LYS D 39 5.79 -2.07 -26.65
C LYS D 39 4.44 -2.34 -25.95
N PRO D 40 4.05 -1.43 -25.06
CA PRO D 40 2.77 -1.54 -24.37
C PRO D 40 1.60 -1.71 -25.36
N GLY D 41 0.82 -2.75 -25.13
CA GLY D 41 -0.33 -3.05 -25.96
C GLY D 41 -0.02 -3.87 -27.21
N GLN D 42 1.24 -4.07 -27.55
CA GLN D 42 1.55 -4.65 -28.84
C GLN D 42 2.19 -5.99 -28.66
N SER D 43 2.30 -6.76 -29.74
CA SER D 43 3.01 -8.05 -29.75
C SER D 43 4.48 -7.80 -29.94
N PRO D 44 5.32 -8.74 -29.48
CA PRO D 44 6.77 -8.67 -29.70
C PRO D 44 7.13 -8.38 -31.14
N LYS D 45 8.13 -7.55 -31.34
CA LYS D 45 8.74 -7.34 -32.66
C LYS D 45 10.23 -7.74 -32.60
N LEU D 46 10.74 -8.36 -33.66
CA LEU D 46 12.12 -8.85 -33.64
C LEU D 46 13.13 -7.71 -34.01
N LEU D 47 14.21 -7.59 -33.25
CA LEU D 47 15.24 -6.55 -33.51
C LEU D 47 16.57 -7.15 -33.97
N ILE D 48 17.08 -8.04 -33.15
CA ILE D 48 18.38 -8.62 -33.34
C ILE D 48 18.30 -10.15 -33.55
N TYR D 49 19.09 -10.68 -34.48
CA TYR D 49 19.21 -12.13 -34.64
C TYR D 49 20.68 -12.59 -34.85
N PHE D 50 20.96 -13.81 -34.41
CA PHE D 50 22.31 -14.39 -34.37
C PHE D 50 23.21 -13.39 -33.65
N ALA D 51 22.71 -12.94 -32.50
CA ALA D 51 23.44 -12.11 -31.55
C ALA D 51 23.71 -10.68 -32.01
N SER D 52 24.03 -10.48 -33.29
CA SER D 52 24.55 -9.18 -33.68
C SER D 52 24.01 -8.60 -34.95
N ASN D 53 22.92 -9.13 -35.49
CA ASN D 53 22.42 -8.59 -36.76
C ASN D 53 21.08 -7.89 -36.64
N ARG D 54 20.97 -6.69 -37.17
CA ARG D 54 19.67 -6.02 -37.17
C ARG D 54 18.74 -6.64 -38.19
N TYR D 55 17.56 -7.05 -37.76
CA TYR D 55 16.54 -7.50 -38.68
C TYR D 55 16.12 -6.35 -39.58
N THR D 56 15.45 -6.66 -40.68
CA THR D 56 15.18 -5.64 -41.67
C THR D 56 14.25 -4.57 -41.15
N GLY D 57 14.65 -3.31 -41.35
CA GLY D 57 13.84 -2.20 -40.91
C GLY D 57 14.23 -1.68 -39.55
N VAL D 58 14.94 -2.49 -38.78
CA VAL D 58 15.32 -2.08 -37.43
C VAL D 58 16.34 -0.94 -37.48
N PRO D 59 16.04 0.19 -36.85
CA PRO D 59 16.95 1.34 -36.75
C PRO D 59 18.33 1.06 -36.12
N ASP D 60 19.29 1.91 -36.49
CA ASP D 60 20.67 1.86 -36.04
C ASP D 60 20.98 1.92 -34.54
N ARG D 61 20.16 2.60 -33.73
CA ARG D 61 20.46 2.69 -32.30
C ARG D 61 20.58 1.31 -31.66
N PHE D 62 19.93 0.33 -32.28
CA PHE D 62 19.85 -1.02 -31.78
C PHE D 62 20.98 -1.86 -32.32
N THR D 63 21.70 -2.49 -31.41
CA THR D 63 22.81 -3.35 -31.75
C THR D 63 22.85 -4.45 -30.71
N GLY D 64 23.47 -5.57 -31.05
CA GLY D 64 23.68 -6.62 -30.08
C GLY D 64 25.06 -7.21 -30.28
N SER D 65 25.49 -7.99 -29.31
CA SER D 65 26.78 -8.61 -29.41
C SER D 65 26.81 -9.79 -28.47
N GLY D 66 27.67 -10.77 -28.76
CA GLY D 66 27.85 -11.88 -27.88
C GLY D 66 28.07 -13.20 -28.56
N SER D 67 28.63 -14.11 -27.77
CA SER D 67 28.96 -15.45 -28.23
C SER D 67 29.12 -16.39 -27.04
N GLY D 68 28.79 -17.66 -27.23
CA GLY D 68 28.94 -18.63 -26.15
C GLY D 68 27.83 -18.57 -25.11
N THR D 69 28.08 -17.86 -24.02
CA THR D 69 27.11 -17.78 -22.94
C THR D 69 26.74 -16.36 -22.52
N ASP D 70 27.53 -15.36 -22.94
CA ASP D 70 27.28 -13.97 -22.52
C ASP D 70 26.88 -13.06 -23.68
N PHE D 71 25.75 -12.38 -23.56
CA PHE D 71 25.19 -11.61 -24.68
C PHE D 71 24.70 -10.27 -24.20
N THR D 72 24.87 -9.26 -25.03
CA THR D 72 24.37 -7.98 -24.63
C THR D 72 23.51 -7.41 -25.73
N PHE D 73 22.62 -6.52 -25.31
CA PHE D 73 21.78 -5.74 -26.21
C PHE D 73 21.95 -4.27 -25.87
N THR D 74 22.08 -3.43 -26.89
CA THR D 74 22.40 -2.03 -26.66
C THR D 74 21.57 -1.02 -27.47
N ILE D 75 21.10 0.02 -26.79
CA ILE D 75 20.51 1.16 -27.49
C ILE D 75 21.38 2.37 -27.26
N SER D 76 21.99 2.87 -28.33
CA SER D 76 22.96 3.96 -28.22
C SER D 76 22.29 5.29 -27.86
N THR D 77 21.16 5.60 -28.50
CA THR D 77 20.48 6.86 -28.22
C THR D 77 19.03 6.64 -27.93
N VAL D 78 18.71 6.39 -26.66
CA VAL D 78 17.35 6.04 -26.28
C VAL D 78 16.37 7.18 -26.56
N GLN D 79 15.22 6.82 -27.08
CA GLN D 79 14.19 7.77 -27.46
C GLN D 79 12.89 7.42 -26.78
N ALA D 80 12.02 8.40 -26.63
CA ALA D 80 10.71 8.19 -26.03
C ALA D 80 9.94 6.98 -26.63
N GLU D 81 9.90 6.87 -27.95
CA GLU D 81 9.29 5.69 -28.62
C GLU D 81 9.90 4.34 -28.25
N ASP D 82 10.97 4.34 -27.47
CA ASP D 82 11.61 3.08 -27.12
C ASP D 82 11.09 2.52 -25.79
N LEU D 83 10.08 3.18 -25.21
CA LEU D 83 9.38 2.60 -24.06
C LEU D 83 8.80 1.21 -24.44
N ALA D 84 9.33 0.18 -23.79
CA ALA D 84 8.96 -1.19 -24.07
C ALA D 84 9.57 -2.17 -23.09
N VAL D 85 9.22 -3.44 -23.24
CA VAL D 85 9.88 -4.53 -22.54
C VAL D 85 10.78 -5.24 -23.54
N TYR D 86 12.03 -5.48 -23.17
CA TYR D 86 13.00 -6.12 -24.05
C TYR D 86 13.35 -7.50 -23.52
N PHE D 87 13.37 -8.50 -24.40
CA PHE D 87 13.77 -9.81 -23.93
C PHE D 87 14.58 -10.55 -24.96
N CYS D 88 15.42 -11.46 -24.47
CA CYS D 88 16.22 -12.32 -25.32
C CYS D 88 15.58 -13.70 -25.48
N GLN D 89 16.12 -14.48 -26.41
CA GLN D 89 15.76 -15.86 -26.68
C GLN D 89 16.97 -16.57 -27.24
N GLN D 90 17.23 -17.80 -26.80
CA GLN D 90 18.22 -18.60 -27.49
C GLN D 90 17.54 -19.56 -28.47
N GLY D 91 18.15 -19.71 -29.66
CA GLY D 91 17.61 -20.57 -30.69
C GLY D 91 18.61 -21.62 -31.13
N TYR D 92 19.62 -21.83 -30.32
CA TYR D 92 20.62 -22.85 -30.60
C TYR D 92 20.01 -24.22 -30.66
N THR D 93 19.12 -24.47 -29.71
CA THR D 93 18.50 -25.77 -29.60
C THR D 93 17.14 -25.68 -28.92
N SER D 94 16.35 -26.73 -29.13
CA SER D 94 14.99 -26.82 -28.64
C SER D 94 14.92 -27.43 -27.23
N PRO D 95 14.08 -26.85 -26.34
CA PRO D 95 13.20 -25.68 -26.52
C PRO D 95 13.92 -24.34 -26.61
N ARG D 96 13.45 -23.51 -27.53
CA ARG D 96 14.07 -22.22 -27.79
C ARG D 96 13.56 -21.18 -26.77
N THR D 97 14.21 -21.13 -25.62
CA THR D 97 13.72 -20.45 -24.43
C THR D 97 14.07 -18.95 -24.37
N PHE D 98 13.17 -18.21 -23.74
CA PHE D 98 13.22 -16.76 -23.59
C PHE D 98 13.82 -16.31 -22.27
N GLY D 99 14.47 -15.14 -22.29
CA GLY D 99 14.85 -14.48 -21.05
C GLY D 99 13.65 -13.82 -20.34
N GLY D 100 13.83 -13.45 -19.08
CA GLY D 100 12.76 -12.91 -18.23
C GLY D 100 12.25 -11.52 -18.62
N GLY D 101 13.05 -10.78 -19.36
CA GLY D 101 12.62 -9.47 -19.81
C GLY D 101 13.24 -8.33 -19.02
N THR D 102 13.31 -7.16 -19.68
CA THR D 102 13.73 -5.88 -19.09
C THR D 102 12.76 -4.76 -19.44
N LYS D 103 12.32 -4.01 -18.42
CA LYS D 103 11.45 -2.86 -18.65
C LYS D 103 12.26 -1.56 -18.76
N LEU D 104 11.96 -0.77 -19.79
CA LEU D 104 12.59 0.52 -20.02
C LEU D 104 11.59 1.66 -19.90
N GLU D 105 11.85 2.58 -18.97
CA GLU D 105 11.01 3.77 -18.80
C GLU D 105 11.88 5.03 -18.93
N ILE D 106 11.26 6.13 -19.32
CA ILE D 106 12.01 7.31 -19.71
C ILE D 106 11.78 8.46 -18.73
N LYS D 107 12.84 9.22 -18.48
CA LYS D 107 12.75 10.40 -17.66
C LYS D 107 12.18 11.56 -18.46
N ARG D 108 11.54 12.48 -17.74
CA ARG D 108 11.09 13.75 -18.31
C ARG D 108 10.89 14.78 -17.19
N ALA D 109 10.53 16.01 -17.58
CA ALA D 109 10.22 17.05 -16.61
C ALA D 109 8.98 16.71 -15.77
N ASP D 110 9.03 17.07 -14.50
CA ASP D 110 7.92 16.77 -13.61
C ASP D 110 6.64 17.45 -14.05
N ALA D 111 5.53 16.74 -13.89
CA ALA D 111 4.22 17.27 -14.25
C ALA D 111 3.19 16.89 -13.19
N ALA D 112 2.40 17.85 -12.73
CA ALA D 112 1.38 17.56 -11.73
C ALA D 112 0.18 16.86 -12.37
N PRO D 113 -0.48 15.96 -11.62
CA PRO D 113 -1.64 15.25 -12.13
C PRO D 113 -2.87 16.13 -12.29
N THR D 114 -3.56 15.94 -13.41
CA THR D 114 -4.90 16.46 -13.58
C THR D 114 -5.90 15.59 -12.82
N VAL D 115 -6.63 16.17 -11.87
CA VAL D 115 -7.45 15.30 -11.02
C VAL D 115 -8.96 15.53 -11.15
N SER D 116 -9.70 14.42 -11.31
CA SER D 116 -11.16 14.43 -11.45
C SER D 116 -11.81 13.39 -10.57
N ILE D 117 -12.89 13.79 -9.91
CA ILE D 117 -13.64 12.89 -9.05
C ILE D 117 -15.05 12.68 -9.60
N PHE D 118 -15.61 11.49 -9.38
CA PHE D 118 -16.90 11.12 -9.96
C PHE D 118 -17.84 10.42 -8.96
N PRO D 119 -18.97 11.06 -8.65
CA PRO D 119 -20.01 10.40 -7.86
C PRO D 119 -20.52 9.20 -8.61
N PRO D 120 -21.07 8.20 -7.90
CA PRO D 120 -21.64 7.01 -8.54
C PRO D 120 -22.61 7.38 -9.66
N SER D 121 -22.55 6.61 -10.74
CA SER D 121 -23.45 6.85 -11.86
C SER D 121 -24.88 6.67 -11.40
N SER D 122 -25.78 7.43 -12.02
CA SER D 122 -27.21 7.31 -11.79
C SER D 122 -27.66 5.87 -11.98
N GLU D 123 -27.03 5.23 -12.95
CA GLU D 123 -27.39 3.89 -13.34
C GLU D 123 -26.97 2.84 -12.34
N GLN D 124 -26.16 3.20 -11.36
CA GLN D 124 -25.59 2.16 -10.52
C GLN D 124 -26.38 1.87 -9.23
N LEU D 125 -26.96 2.90 -8.63
CA LEU D 125 -27.43 2.79 -7.26
C LEU D 125 -28.59 1.80 -7.08
N THR D 126 -29.33 1.53 -8.15
CA THR D 126 -30.35 0.48 -8.13
C THR D 126 -29.81 -0.91 -7.75
N SER D 127 -28.59 -1.19 -8.19
CA SER D 127 -27.97 -2.49 -7.97
C SER D 127 -27.59 -2.72 -6.50
N GLY D 128 -27.75 -1.68 -5.68
CA GLY D 128 -27.42 -1.74 -4.28
C GLY D 128 -25.96 -1.50 -3.93
N GLY D 129 -25.18 -1.06 -4.91
CA GLY D 129 -23.77 -0.75 -4.69
C GLY D 129 -23.43 0.61 -5.21
N ALA D 130 -22.39 1.24 -4.66
CA ALA D 130 -22.01 2.59 -5.05
C ALA D 130 -20.51 2.69 -5.27
N SER D 131 -20.10 3.23 -6.40
CA SER D 131 -18.67 3.35 -6.65
C SER D 131 -18.26 4.82 -6.85
N VAL D 132 -17.36 5.30 -6.01
CA VAL D 132 -16.81 6.64 -6.20
C VAL D 132 -15.44 6.51 -6.91
N VAL D 133 -15.33 7.16 -8.07
CA VAL D 133 -14.14 6.99 -8.89
C VAL D 133 -13.28 8.25 -8.92
N CYS D 134 -11.97 8.07 -8.79
CA CYS D 134 -11.04 9.18 -8.91
C CYS D 134 -9.95 8.92 -9.95
N PHE D 135 -9.82 9.83 -10.90
CA PHE D 135 -8.78 9.76 -11.94
C PHE D 135 -7.65 10.77 -11.68
N LEU D 136 -6.42 10.30 -11.75
CA LEU D 136 -5.26 11.15 -11.58
C LEU D 136 -4.43 11.05 -12.84
N ASN D 137 -4.66 11.96 -13.79
CA ASN D 137 -4.09 11.80 -15.13
C ASN D 137 -2.85 12.62 -15.46
N ASN D 138 -1.97 11.98 -16.24
CA ASN D 138 -0.84 12.59 -16.93
C ASN D 138 0.16 13.29 -16.02
N PHE D 139 0.82 12.51 -15.18
CA PHE D 139 1.76 13.07 -14.22
C PHE D 139 3.12 12.38 -14.28
N TYR D 140 4.10 13.04 -13.68
CA TYR D 140 5.48 12.54 -13.59
C TYR D 140 6.13 13.25 -12.42
N PRO D 141 6.92 12.51 -11.60
CA PRO D 141 7.24 11.08 -11.70
C PRO D 141 6.09 10.15 -11.34
N LYS D 142 6.37 8.86 -11.27
CA LYS D 142 5.32 7.84 -11.16
C LYS D 142 4.87 7.63 -9.72
N ASP D 143 5.65 8.11 -8.78
CA ASP D 143 5.35 7.90 -7.36
C ASP D 143 4.33 8.91 -6.86
N ILE D 144 3.25 8.38 -6.27
CA ILE D 144 2.09 9.17 -5.88
C ILE D 144 1.26 8.47 -4.79
N ASN D 145 0.54 9.23 -3.97
CA ASN D 145 -0.29 8.61 -2.95
C ASN D 145 -1.68 9.24 -2.83
N VAL D 146 -2.67 8.38 -2.66
CA VAL D 146 -4.07 8.79 -2.73
C VAL D 146 -4.79 8.46 -1.42
N LYS D 147 -5.44 9.48 -0.83
CA LYS D 147 -6.25 9.33 0.37
C LYS D 147 -7.73 9.62 0.08
N TRP D 148 -8.60 8.77 0.61
CA TRP D 148 -10.03 9.03 0.55
C TRP D 148 -10.55 9.53 1.89
N LYS D 149 -11.27 10.65 1.86
CA LYS D 149 -11.91 11.17 3.05
C LYS D 149 -13.42 11.19 2.90
N ILE D 150 -14.11 10.56 3.85
CA ILE D 150 -15.57 10.57 3.89
C ILE D 150 -16.04 11.40 5.11
N ASP D 151 -16.64 12.56 4.84
CA ASP D 151 -16.93 13.54 5.89
C ASP D 151 -15.70 13.84 6.74
N GLY D 152 -14.59 14.13 6.08
CA GLY D 152 -13.36 14.50 6.76
C GLY D 152 -12.49 13.34 7.19
N SER D 153 -13.12 12.19 7.42
CA SER D 153 -12.41 11.03 7.95
C SER D 153 -11.85 10.15 6.86
N GLU D 154 -10.60 9.76 7.04
CA GLU D 154 -9.90 8.91 6.08
C GLU D 154 -10.58 7.56 5.98
N ARG D 155 -10.69 7.04 4.76
CA ARG D 155 -11.25 5.71 4.58
C ARG D 155 -10.24 4.82 3.87
N GLN D 156 -9.98 3.63 4.40
CA GLN D 156 -8.89 2.80 3.85
C GLN D 156 -9.41 1.52 3.25
N ASN D 157 -10.55 1.04 3.75
CA ASN D 157 -11.21 -0.13 3.20
C ASN D 157 -12.09 0.17 1.97
N GLY D 158 -12.04 -0.73 1.00
CA GLY D 158 -12.85 -0.61 -0.20
C GLY D 158 -12.19 0.21 -1.30
N VAL D 159 -10.89 0.41 -1.19
CA VAL D 159 -10.18 1.18 -2.20
C VAL D 159 -9.43 0.24 -3.15
N LEU D 160 -9.65 0.42 -4.45
CA LEU D 160 -8.93 -0.38 -5.44
C LEU D 160 -8.18 0.54 -6.40
N ASN D 161 -6.88 0.30 -6.55
CA ASN D 161 -6.05 1.13 -7.41
C ASN D 161 -5.52 0.43 -8.65
N SER D 162 -5.37 1.20 -9.73
CA SER D 162 -4.85 0.69 -10.99
C SER D 162 -4.04 1.79 -11.66
N TRP D 163 -2.99 1.41 -12.39
CA TRP D 163 -2.08 2.36 -13.04
C TRP D 163 -1.89 2.04 -14.49
N THR D 164 -1.88 3.04 -15.36
CA THR D 164 -1.47 2.77 -16.75
C THR D 164 0.03 2.53 -16.86
N ASP D 165 0.42 1.87 -17.95
CA ASP D 165 1.81 1.86 -18.37
C ASP D 165 2.23 3.29 -18.66
N GLN D 166 3.52 3.58 -18.77
CA GLN D 166 3.96 4.92 -19.16
C GLN D 166 3.47 5.20 -20.57
N ASP D 167 3.11 6.44 -20.91
CA ASP D 167 2.68 6.75 -22.27
C ASP D 167 3.89 7.14 -23.12
N SER D 168 4.08 6.51 -24.28
CA SER D 168 5.27 6.84 -25.07
C SER D 168 5.06 8.12 -25.85
N LYS D 169 3.83 8.63 -25.83
CA LYS D 169 3.53 9.86 -26.52
C LYS D 169 3.99 11.05 -25.67
N ASP D 170 3.80 10.98 -24.36
CA ASP D 170 4.24 12.08 -23.47
C ASP D 170 5.02 11.62 -22.26
N SER D 171 5.41 10.35 -22.21
CA SER D 171 6.17 9.81 -21.07
C SER D 171 5.55 10.08 -19.70
N THR D 172 4.23 10.20 -19.62
CA THR D 172 3.60 10.41 -18.32
C THR D 172 2.94 9.15 -17.85
N TYR D 173 2.45 9.20 -16.61
CA TYR D 173 1.68 8.12 -16.01
C TYR D 173 0.27 8.59 -15.70
N SER D 174 -0.67 7.65 -15.64
CA SER D 174 -1.99 7.97 -15.13
C SER D 174 -2.39 6.88 -14.16
N MET D 175 -3.33 7.22 -13.30
CA MET D 175 -3.78 6.31 -12.25
C MET D 175 -5.27 6.47 -11.99
N SER D 176 -5.90 5.37 -11.62
CA SER D 176 -7.31 5.34 -11.27
C SER D 176 -7.53 4.79 -9.86
N SER D 177 -8.29 5.51 -9.04
CA SER D 177 -8.64 5.00 -7.72
C SER D 177 -10.17 4.93 -7.56
N THR D 178 -10.66 3.84 -6.97
CA THR D 178 -12.10 3.61 -6.86
C THR D 178 -12.52 3.17 -5.46
N LEU D 179 -13.39 3.96 -4.85
CA LEU D 179 -13.96 3.59 -3.58
C LEU D 179 -15.32 2.93 -3.78
N THR D 180 -15.46 1.71 -3.25
CA THR D 180 -16.67 0.94 -3.47
C THR D 180 -17.37 0.72 -2.15
N LEU D 181 -18.59 1.24 -2.05
CA LEU D 181 -19.43 1.15 -0.86
C LEU D 181 -20.78 0.54 -1.18
N THR D 182 -21.51 0.10 -0.16
CA THR D 182 -22.92 -0.24 -0.36
C THR D 182 -23.69 1.02 -0.62
N LYS D 183 -24.84 0.90 -1.30
CA LYS D 183 -25.72 2.04 -1.49
C LYS D 183 -26.12 2.65 -0.14
N ASP D 184 -26.33 1.80 0.84
CA ASP D 184 -26.74 2.31 2.13
C ASP D 184 -25.61 3.09 2.82
N GLU D 185 -24.40 2.51 2.85
CA GLU D 185 -23.22 3.25 3.36
C GLU D 185 -23.05 4.61 2.70
N TYR D 186 -23.14 4.64 1.37
CA TYR D 186 -22.98 5.86 0.59
C TYR D 186 -23.98 6.92 1.04
N GLU D 187 -25.20 6.51 1.32
CA GLU D 187 -26.24 7.45 1.67
C GLU D 187 -26.17 7.99 3.10
N ARG D 188 -25.32 7.39 3.93
CA ARG D 188 -25.25 7.81 5.34
C ARG D 188 -24.32 9.00 5.55
N HIS D 189 -23.52 9.33 4.55
CA HIS D 189 -22.57 10.43 4.64
C HIS D 189 -22.81 11.45 3.53
N ASN D 190 -22.24 12.65 3.65
CA ASN D 190 -22.46 13.64 2.59
C ASN D 190 -21.22 14.04 1.76
N SER D 191 -20.05 14.16 2.36
CA SER D 191 -18.91 14.68 1.58
C SER D 191 -17.82 13.66 1.26
N TYR D 192 -17.39 13.68 0.01
CA TYR D 192 -16.47 12.69 -0.51
C TYR D 192 -15.27 13.36 -1.14
N THR D 193 -14.10 13.05 -0.60
CA THR D 193 -12.88 13.70 -1.05
C THR D 193 -11.83 12.72 -1.54
N CYS D 194 -11.23 13.12 -2.64
CA CYS D 194 -10.12 12.44 -3.23
C CYS D 194 -8.90 13.36 -3.03
N GLU D 195 -7.83 12.85 -2.41
CA GLU D 195 -6.69 13.68 -1.97
C GLU D 195 -5.35 13.14 -2.47
N ALA D 196 -4.67 13.91 -3.30
CA ALA D 196 -3.44 13.43 -3.93
C ALA D 196 -2.16 14.14 -3.47
N THR D 197 -1.13 13.37 -3.11
CA THR D 197 0.20 13.90 -2.81
C THR D 197 1.28 13.49 -3.81
N HIS D 198 1.99 14.48 -4.33
CA HIS D 198 2.95 14.31 -5.40
C HIS D 198 4.04 15.34 -5.27
N LYS D 199 5.26 14.99 -5.67
CA LYS D 199 6.40 15.87 -5.40
C LYS D 199 6.33 17.20 -6.16
N THR D 200 5.31 17.36 -7.00
CA THR D 200 5.18 18.60 -7.76
C THR D 200 4.53 19.71 -6.93
N SER D 201 4.17 19.40 -5.71
CA SER D 201 3.49 20.35 -4.84
C SER D 201 3.63 19.97 -3.38
N THR D 202 3.51 20.96 -2.52
CA THR D 202 3.66 20.74 -1.10
C THR D 202 2.28 20.57 -0.49
N SER D 203 1.27 21.00 -1.24
CA SER D 203 -0.13 20.88 -0.82
C SER D 203 -0.84 19.79 -1.61
N PRO D 204 -1.69 19.02 -0.92
CA PRO D 204 -2.42 17.96 -1.62
C PRO D 204 -3.34 18.55 -2.66
N ILE D 205 -3.53 17.88 -3.78
CA ILE D 205 -4.58 18.32 -4.66
C ILE D 205 -5.86 17.65 -4.21
N VAL D 206 -6.86 18.46 -3.94
CA VAL D 206 -8.11 17.96 -3.41
C VAL D 206 -9.23 18.16 -4.39
N LYS D 207 -9.89 17.08 -4.79
CA LYS D 207 -11.12 17.22 -5.54
C LYS D 207 -12.22 16.59 -4.71
N SER D 208 -13.34 17.30 -4.62
CA SER D 208 -14.40 16.92 -3.69
C SER D 208 -15.80 17.20 -4.22
N PHE D 209 -16.78 16.55 -3.58
CA PHE D 209 -18.15 16.86 -3.85
C PHE D 209 -19.00 16.48 -2.66
N ASN D 210 -20.23 17.00 -2.65
CA ASN D 210 -21.20 16.67 -1.63
C ASN D 210 -22.34 15.88 -2.27
N ARG D 211 -22.85 14.87 -1.56
CA ARG D 211 -23.86 13.94 -2.08
C ARG D 211 -25.05 14.65 -2.74
N ASN D 212 -25.51 15.77 -2.19
CA ASN D 212 -26.47 16.60 -2.92
C ASN D 212 -25.96 18.00 -3.26
N GLU D 213 -25.72 18.27 -4.55
CA GLU D 213 -25.36 19.61 -5.00
C GLU D 213 -25.62 19.79 -6.49
#